data_1BXV
# 
_entry.id   1BXV 
# 
_audit_conform.dict_name       mmcif_pdbx.dic 
_audit_conform.dict_version    5.389 
_audit_conform.dict_location   http://mmcif.pdb.org/dictionaries/ascii/mmcif_pdbx.dic 
# 
loop_
_database_2.database_id 
_database_2.database_code 
_database_2.pdbx_database_accession 
_database_2.pdbx_DOI 
PDB   1BXV         pdb_00001bxv 10.2210/pdb1bxv/pdb 
WWPDB D_1000172141 ?            ?                   
# 
loop_
_pdbx_audit_revision_history.ordinal 
_pdbx_audit_revision_history.data_content_type 
_pdbx_audit_revision_history.major_revision 
_pdbx_audit_revision_history.minor_revision 
_pdbx_audit_revision_history.revision_date 
1 'Structure model' 1 0 1999-06-15 
2 'Structure model' 1 1 2008-03-24 
3 'Structure model' 1 2 2011-07-13 
4 'Structure model' 1 3 2024-02-07 
5 'Structure model' 1 4 2024-04-03 
# 
_pdbx_audit_revision_details.ordinal             1 
_pdbx_audit_revision_details.revision_ordinal    1 
_pdbx_audit_revision_details.data_content_type   'Structure model' 
_pdbx_audit_revision_details.provider            repository 
_pdbx_audit_revision_details.type                'Initial release' 
_pdbx_audit_revision_details.description         ? 
_pdbx_audit_revision_details.details             ? 
# 
loop_
_pdbx_audit_revision_group.ordinal 
_pdbx_audit_revision_group.revision_ordinal 
_pdbx_audit_revision_group.data_content_type 
_pdbx_audit_revision_group.group 
1 2 'Structure model' 'Version format compliance' 
2 3 'Structure model' 'Source and taxonomy'       
3 3 'Structure model' 'Version format compliance' 
4 4 'Structure model' 'Data collection'           
5 4 'Structure model' 'Database references'       
6 4 'Structure model' 'Derived calculations'      
7 5 'Structure model' 'Refinement description'    
# 
loop_
_pdbx_audit_revision_category.ordinal 
_pdbx_audit_revision_category.revision_ordinal 
_pdbx_audit_revision_category.data_content_type 
_pdbx_audit_revision_category.category 
1 4 'Structure model' chem_comp_atom                
2 4 'Structure model' chem_comp_bond                
3 4 'Structure model' database_2                    
4 4 'Structure model' struct_conn                   
5 4 'Structure model' struct_site                   
6 5 'Structure model' pdbx_initial_refinement_model 
# 
loop_
_pdbx_audit_revision_item.ordinal 
_pdbx_audit_revision_item.revision_ordinal 
_pdbx_audit_revision_item.data_content_type 
_pdbx_audit_revision_item.item 
1  4 'Structure model' '_database_2.pdbx_DOI'                
2  4 'Structure model' '_database_2.pdbx_database_accession' 
3  4 'Structure model' '_struct_conn.ptnr1_auth_comp_id'     
4  4 'Structure model' '_struct_conn.ptnr1_auth_seq_id'      
5  4 'Structure model' '_struct_conn.ptnr1_label_asym_id'    
6  4 'Structure model' '_struct_conn.ptnr1_label_atom_id'    
7  4 'Structure model' '_struct_conn.ptnr1_label_comp_id'    
8  4 'Structure model' '_struct_conn.ptnr1_label_seq_id'     
9  4 'Structure model' '_struct_conn.ptnr2_auth_comp_id'     
10 4 'Structure model' '_struct_conn.ptnr2_auth_seq_id'      
11 4 'Structure model' '_struct_conn.ptnr2_label_asym_id'    
12 4 'Structure model' '_struct_conn.ptnr2_label_atom_id'    
13 4 'Structure model' '_struct_conn.ptnr2_label_comp_id'    
14 4 'Structure model' '_struct_conn.ptnr2_label_seq_id'     
15 4 'Structure model' '_struct_site.pdbx_auth_asym_id'      
16 4 'Structure model' '_struct_site.pdbx_auth_comp_id'      
17 4 'Structure model' '_struct_site.pdbx_auth_seq_id'       
# 
_pdbx_database_status.status_code                     REL 
_pdbx_database_status.entry_id                        1BXV 
_pdbx_database_status.recvd_initial_deposition_date   1998-10-09 
_pdbx_database_status.deposit_site                    ? 
_pdbx_database_status.process_site                    BNL 
_pdbx_database_status.status_code_sf                  REL 
_pdbx_database_status.status_code_mr                  ? 
_pdbx_database_status.SG_entry                        ? 
_pdbx_database_status.pdb_format_compatible           Y 
_pdbx_database_status.status_code_cs                  ? 
_pdbx_database_status.status_code_nmr_data            ? 
_pdbx_database_status.methods_development_category    ? 
# 
loop_
_audit_author.name 
_audit_author.pdbx_ordinal 
'Inoue, T.'    1 
'Sugawara, H.' 2 
'Hamanaka, S.' 3 
'Tsukui, H.'   4 
'Suzuki, E.'   5 
'Kohzuma, T.'  6 
'Kai, Y.'      7 
# 
loop_
_citation.id 
_citation.title 
_citation.journal_abbrev 
_citation.journal_volume 
_citation.page_first 
_citation.page_last 
_citation.year 
_citation.journal_id_ASTM 
_citation.country 
_citation.journal_id_ISSN 
_citation.journal_id_CSD 
_citation.book_publisher 
_citation.pdbx_database_id_PubMed 
_citation.pdbx_database_id_DOI 
primary 
'Crystal structure determinations of oxidized and reduced plastocyanin from the cyanobacterium Synechococcus sp. PCC 7942.' 
Biochemistry               38 6063 6069 1999 BICHAW US 0006-2960 0033 ? 10320332 10.1021/bi9824442 
1       'Crystallization and Preliminary X-Ray Analysis of Plastocyanin from Cyanobacterium Synechococcus Sp. Pcc 7942' 
'Acta Crystallogr.,Sect.D' 55 683  ?    1999 ABCRE6 DK 0907-4449 0766 ? ?        ?                 
# 
loop_
_citation_author.citation_id 
_citation_author.name 
_citation_author.ordinal 
_citation_author.identifier_ORCID 
primary 'Inoue, T.'    1  ? 
primary 'Sugawara, H.' 2  ? 
primary 'Hamanaka, S.' 3  ? 
primary 'Tsukui, H.'   4  ? 
primary 'Suzuki, E.'   5  ? 
primary 'Kohzuma, T.'  6  ? 
primary 'Kai, Y.'      7  ? 
1       'Inoue, T.'    8  ? 
1       'Sugawara, H.' 9  ? 
1       'Hamanaka, S.' 10 ? 
1       'Tsukui, H.'   11 ? 
1       'Suzuki, E.'   12 ? 
1       'Kohzuma, T.'  13 ? 
1       'Kai, Y.'      14 ? 
# 
loop_
_entity.id 
_entity.type 
_entity.src_method 
_entity.pdbx_description 
_entity.formula_weight 
_entity.pdbx_number_of_molecules 
_entity.pdbx_ec 
_entity.pdbx_mutation 
_entity.pdbx_fragment 
_entity.details 
1 polymer     man PLASTOCYANIN      9861.011 1  ? ? ? 'REDUCED FORM' 
2 non-polymer syn 'COPPER (II) ION' 63.546   1  ? ? ? ?              
3 water       nat water             18.015   83 ? ? ? ?              
# 
_entity_poly.entity_id                      1 
_entity_poly.type                           'polypeptide(L)' 
_entity_poly.nstd_linkage                   no 
_entity_poly.nstd_monomer                   no 
_entity_poly.pdbx_seq_one_letter_code       
;QTVAIKMGADNGMLAFEPSTIEIQAGDTVQWVNNKLAPHNVVVEGQPELSHKDLAFSPGETFEATFSEPGTYTYYCEPHR
GAGMVGKIVVQ
;
_entity_poly.pdbx_seq_one_letter_code_can   
;QTVAIKMGADNGMLAFEPSTIEIQAGDTVQWVNNKLAPHNVVVEGQPELSHKDLAFSPGETFEATFSEPGTYTYYCEPHR
GAGMVGKIVVQ
;
_entity_poly.pdbx_strand_id                 A 
_entity_poly.pdbx_target_identifier         ? 
# 
loop_
_pdbx_entity_nonpoly.entity_id 
_pdbx_entity_nonpoly.name 
_pdbx_entity_nonpoly.comp_id 
2 'COPPER (II) ION' CU  
3 water             HOH 
# 
loop_
_entity_poly_seq.entity_id 
_entity_poly_seq.num 
_entity_poly_seq.mon_id 
_entity_poly_seq.hetero 
1 1  GLN n 
1 2  THR n 
1 3  VAL n 
1 4  ALA n 
1 5  ILE n 
1 6  LYS n 
1 7  MET n 
1 8  GLY n 
1 9  ALA n 
1 10 ASP n 
1 11 ASN n 
1 12 GLY n 
1 13 MET n 
1 14 LEU n 
1 15 ALA n 
1 16 PHE n 
1 17 GLU n 
1 18 PRO n 
1 19 SER n 
1 20 THR n 
1 21 ILE n 
1 22 GLU n 
1 23 ILE n 
1 24 GLN n 
1 25 ALA n 
1 26 GLY n 
1 27 ASP n 
1 28 THR n 
1 29 VAL n 
1 30 GLN n 
1 31 TRP n 
1 32 VAL n 
1 33 ASN n 
1 34 ASN n 
1 35 LYS n 
1 36 LEU n 
1 37 ALA n 
1 38 PRO n 
1 39 HIS n 
1 40 ASN n 
1 41 VAL n 
1 42 VAL n 
1 43 VAL n 
1 44 GLU n 
1 45 GLY n 
1 46 GLN n 
1 47 PRO n 
1 48 GLU n 
1 49 LEU n 
1 50 SER n 
1 51 HIS n 
1 52 LYS n 
1 53 ASP n 
1 54 LEU n 
1 55 ALA n 
1 56 PHE n 
1 57 SER n 
1 58 PRO n 
1 59 GLY n 
1 60 GLU n 
1 61 THR n 
1 62 PHE n 
1 63 GLU n 
1 64 ALA n 
1 65 THR n 
1 66 PHE n 
1 67 SER n 
1 68 GLU n 
1 69 PRO n 
1 70 GLY n 
1 71 THR n 
1 72 TYR n 
1 73 THR n 
1 74 TYR n 
1 75 TYR n 
1 76 CYS n 
1 77 GLU n 
1 78 PRO n 
1 79 HIS n 
1 80 ARG n 
1 81 GLY n 
1 82 ALA n 
1 83 GLY n 
1 84 MET n 
1 85 VAL n 
1 86 GLY n 
1 87 LYS n 
1 88 ILE n 
1 89 VAL n 
1 90 VAL n 
1 91 GLN n 
# 
_entity_src_gen.entity_id                          1 
_entity_src_gen.pdbx_src_id                        1 
_entity_src_gen.pdbx_alt_source_flag               sample 
_entity_src_gen.pdbx_seq_type                      ? 
_entity_src_gen.pdbx_beg_seq_num                   ? 
_entity_src_gen.pdbx_end_seq_num                   ? 
_entity_src_gen.gene_src_common_name               ? 
_entity_src_gen.gene_src_genus                     Synechococcus 
_entity_src_gen.pdbx_gene_src_gene                 ? 
_entity_src_gen.gene_src_species                   'Synechococcus elongatus' 
_entity_src_gen.gene_src_strain                    'PCC 7942' 
_entity_src_gen.gene_src_tissue                    ? 
_entity_src_gen.gene_src_tissue_fraction           ? 
_entity_src_gen.gene_src_details                   ? 
_entity_src_gen.pdbx_gene_src_fragment             ? 
_entity_src_gen.pdbx_gene_src_scientific_name      'Synechococcus elongatus' 
_entity_src_gen.pdbx_gene_src_ncbi_taxonomy_id     1140 
_entity_src_gen.pdbx_gene_src_variant              ? 
_entity_src_gen.pdbx_gene_src_cell_line            ? 
_entity_src_gen.pdbx_gene_src_atcc                 ? 
_entity_src_gen.pdbx_gene_src_organ                ? 
_entity_src_gen.pdbx_gene_src_organelle            ? 
_entity_src_gen.pdbx_gene_src_cell                 ? 
_entity_src_gen.pdbx_gene_src_cellular_location    ? 
_entity_src_gen.host_org_common_name               ? 
_entity_src_gen.pdbx_host_org_scientific_name      'Escherichia coli' 
_entity_src_gen.pdbx_host_org_ncbi_taxonomy_id     562 
_entity_src_gen.host_org_genus                     Escherichia 
_entity_src_gen.pdbx_host_org_gene                 ? 
_entity_src_gen.pdbx_host_org_organ                ? 
_entity_src_gen.host_org_species                   ? 
_entity_src_gen.pdbx_host_org_tissue               ? 
_entity_src_gen.pdbx_host_org_tissue_fraction      ? 
_entity_src_gen.pdbx_host_org_strain               ? 
_entity_src_gen.pdbx_host_org_variant              ? 
_entity_src_gen.pdbx_host_org_cell_line            ? 
_entity_src_gen.pdbx_host_org_atcc                 ? 
_entity_src_gen.pdbx_host_org_culture_collection   ? 
_entity_src_gen.pdbx_host_org_cell                 ? 
_entity_src_gen.pdbx_host_org_organelle            ? 
_entity_src_gen.pdbx_host_org_cellular_location    ? 
_entity_src_gen.pdbx_host_org_vector_type          ? 
_entity_src_gen.pdbx_host_org_vector               ? 
_entity_src_gen.host_org_details                   ? 
_entity_src_gen.expression_system_id               ? 
_entity_src_gen.plasmid_name                       ? 
_entity_src_gen.plasmid_details                    ? 
_entity_src_gen.pdbx_description                   ? 
# 
loop_
_chem_comp.id 
_chem_comp.type 
_chem_comp.mon_nstd_flag 
_chem_comp.name 
_chem_comp.pdbx_synonyms 
_chem_comp.formula 
_chem_comp.formula_weight 
ALA 'L-peptide linking' y ALANINE           ? 'C3 H7 N O2'     89.093  
ARG 'L-peptide linking' y ARGININE          ? 'C6 H15 N4 O2 1' 175.209 
ASN 'L-peptide linking' y ASPARAGINE        ? 'C4 H8 N2 O3'    132.118 
ASP 'L-peptide linking' y 'ASPARTIC ACID'   ? 'C4 H7 N O4'     133.103 
CU  non-polymer         . 'COPPER (II) ION' ? 'Cu 2'           63.546  
CYS 'L-peptide linking' y CYSTEINE          ? 'C3 H7 N O2 S'   121.158 
GLN 'L-peptide linking' y GLUTAMINE         ? 'C5 H10 N2 O3'   146.144 
GLU 'L-peptide linking' y 'GLUTAMIC ACID'   ? 'C5 H9 N O4'     147.129 
GLY 'peptide linking'   y GLYCINE           ? 'C2 H5 N O2'     75.067  
HIS 'L-peptide linking' y HISTIDINE         ? 'C6 H10 N3 O2 1' 156.162 
HOH non-polymer         . WATER             ? 'H2 O'           18.015  
ILE 'L-peptide linking' y ISOLEUCINE        ? 'C6 H13 N O2'    131.173 
LEU 'L-peptide linking' y LEUCINE           ? 'C6 H13 N O2'    131.173 
LYS 'L-peptide linking' y LYSINE            ? 'C6 H15 N2 O2 1' 147.195 
MET 'L-peptide linking' y METHIONINE        ? 'C5 H11 N O2 S'  149.211 
PHE 'L-peptide linking' y PHENYLALANINE     ? 'C9 H11 N O2'    165.189 
PRO 'L-peptide linking' y PROLINE           ? 'C5 H9 N O2'     115.130 
SER 'L-peptide linking' y SERINE            ? 'C3 H7 N O3'     105.093 
THR 'L-peptide linking' y THREONINE         ? 'C4 H9 N O3'     119.119 
TRP 'L-peptide linking' y TRYPTOPHAN        ? 'C11 H12 N2 O2'  204.225 
TYR 'L-peptide linking' y TYROSINE          ? 'C9 H11 N O3'    181.189 
VAL 'L-peptide linking' y VALINE            ? 'C5 H11 N O2'    117.146 
# 
loop_
_pdbx_poly_seq_scheme.asym_id 
_pdbx_poly_seq_scheme.entity_id 
_pdbx_poly_seq_scheme.seq_id 
_pdbx_poly_seq_scheme.mon_id 
_pdbx_poly_seq_scheme.ndb_seq_num 
_pdbx_poly_seq_scheme.pdb_seq_num 
_pdbx_poly_seq_scheme.auth_seq_num 
_pdbx_poly_seq_scheme.pdb_mon_id 
_pdbx_poly_seq_scheme.auth_mon_id 
_pdbx_poly_seq_scheme.pdb_strand_id 
_pdbx_poly_seq_scheme.pdb_ins_code 
_pdbx_poly_seq_scheme.hetero 
A 1 1  GLN 1  -2 -2 GLN GLN A . n 
A 1 2  THR 2  -1 -1 THR THR A . n 
A 1 3  VAL 3  1  1  VAL VAL A . n 
A 1 4  ALA 4  2  2  ALA ALA A . n 
A 1 5  ILE 5  3  3  ILE ILE A . n 
A 1 6  LYS 6  4  4  LYS LYS A . n 
A 1 7  MET 7  5  5  MET MET A . n 
A 1 8  GLY 8  6  6  GLY GLY A . n 
A 1 9  ALA 9  7  7  ALA ALA A . n 
A 1 10 ASP 10 8  8  ASP ASP A . n 
A 1 11 ASN 11 9  9  ASN ASN A . n 
A 1 12 GLY 12 10 10 GLY GLY A . n 
A 1 13 MET 13 11 11 MET MET A . n 
A 1 14 LEU 14 12 12 LEU LEU A . n 
A 1 15 ALA 15 13 13 ALA ALA A . n 
A 1 16 PHE 16 14 14 PHE PHE A . n 
A 1 17 GLU 17 15 15 GLU GLU A . n 
A 1 18 PRO 18 16 16 PRO PRO A . n 
A 1 19 SER 19 17 17 SER SER A . n 
A 1 20 THR 20 18 18 THR THR A . n 
A 1 21 ILE 21 19 19 ILE ILE A . n 
A 1 22 GLU 22 20 20 GLU GLU A . n 
A 1 23 ILE 23 21 21 ILE ILE A . n 
A 1 24 GLN 24 22 22 GLN GLN A . n 
A 1 25 ALA 25 23 23 ALA ALA A . n 
A 1 26 GLY 26 24 24 GLY GLY A . n 
A 1 27 ASP 27 25 25 ASP ASP A . n 
A 1 28 THR 28 26 26 THR THR A . n 
A 1 29 VAL 29 27 27 VAL VAL A . n 
A 1 30 GLN 30 28 28 GLN GLN A . n 
A 1 31 TRP 31 29 29 TRP TRP A . n 
A 1 32 VAL 32 30 30 VAL VAL A . n 
A 1 33 ASN 33 31 31 ASN ASN A . n 
A 1 34 ASN 34 32 32 ASN ASN A . n 
A 1 35 LYS 35 33 33 LYS LYS A . n 
A 1 36 LEU 36 34 34 LEU LEU A . n 
A 1 37 ALA 37 35 35 ALA ALA A . n 
A 1 38 PRO 38 36 36 PRO PRO A . n 
A 1 39 HIS 39 37 37 HIS HIS A . n 
A 1 40 ASN 40 38 38 ASN ASN A . n 
A 1 41 VAL 41 39 39 VAL VAL A . n 
A 1 42 VAL 42 40 40 VAL VAL A . n 
A 1 43 VAL 43 41 41 VAL VAL A . n 
A 1 44 GLU 44 42 42 GLU GLU A . n 
A 1 45 GLY 45 49 49 GLY GLY A . n 
A 1 46 GLN 46 52 52 GLN GLN A . n 
A 1 47 PRO 47 53 53 PRO PRO A . n 
A 1 48 GLU 48 54 54 GLU GLU A . n 
A 1 49 LEU 49 55 55 LEU LEU A . n 
A 1 50 SER 50 56 56 SER SER A . n 
A 1 51 HIS 51 57 57 HIS HIS A . n 
A 1 52 LYS 52 58 58 LYS LYS A . n 
A 1 53 ASP 53 59 59 ASP ASP A . n 
A 1 54 LEU 54 62 62 LEU LEU A . n 
A 1 55 ALA 55 63 63 ALA ALA A . n 
A 1 56 PHE 56 64 64 PHE PHE A . n 
A 1 57 SER 57 65 65 SER SER A . n 
A 1 58 PRO 58 66 66 PRO PRO A . n 
A 1 59 GLY 59 67 67 GLY GLY A . n 
A 1 60 GLU 60 68 68 GLU GLU A . n 
A 1 61 THR 61 69 69 THR THR A . n 
A 1 62 PHE 62 70 70 PHE PHE A . n 
A 1 63 GLU 63 71 71 GLU GLU A . n 
A 1 64 ALA 64 72 72 ALA ALA A . n 
A 1 65 THR 65 73 73 THR THR A . n 
A 1 66 PHE 66 74 74 PHE PHE A . n 
A 1 67 SER 67 75 75 SER SER A . n 
A 1 68 GLU 68 76 76 GLU GLU A . n 
A 1 69 PRO 69 77 77 PRO PRO A . n 
A 1 70 GLY 70 78 78 GLY GLY A . n 
A 1 71 THR 71 79 79 THR THR A . n 
A 1 72 TYR 72 80 80 TYR TYR A . n 
A 1 73 THR 73 81 81 THR THR A . n 
A 1 74 TYR 74 82 82 TYR TYR A . n 
A 1 75 TYR 75 83 83 TYR TYR A . n 
A 1 76 CYS 76 84 84 CYS CYS A . n 
A 1 77 GLU 77 85 85 GLU GLU A . n 
A 1 78 PRO 78 86 86 PRO PRO A . n 
A 1 79 HIS 79 87 87 HIS HIS A . n 
A 1 80 ARG 80 88 88 ARG ARG A . n 
A 1 81 GLY 81 89 89 GLY GLY A . n 
A 1 82 ALA 82 90 90 ALA ALA A . n 
A 1 83 GLY 83 91 91 GLY GLY A . n 
A 1 84 MET 84 92 92 MET MET A . n 
A 1 85 VAL 85 93 93 VAL VAL A . n 
A 1 86 GLY 86 94 94 GLY GLY A . n 
A 1 87 LYS 87 95 95 LYS LYS A . n 
A 1 88 ILE 88 96 96 ILE ILE A . n 
A 1 89 VAL 89 97 97 VAL VAL A . n 
A 1 90 VAL 90 98 98 VAL VAL A . n 
A 1 91 GLN 91 99 99 GLN GLN A . n 
# 
loop_
_pdbx_nonpoly_scheme.asym_id 
_pdbx_nonpoly_scheme.entity_id 
_pdbx_nonpoly_scheme.mon_id 
_pdbx_nonpoly_scheme.ndb_seq_num 
_pdbx_nonpoly_scheme.pdb_seq_num 
_pdbx_nonpoly_scheme.auth_seq_num 
_pdbx_nonpoly_scheme.pdb_mon_id 
_pdbx_nonpoly_scheme.auth_mon_id 
_pdbx_nonpoly_scheme.pdb_strand_id 
_pdbx_nonpoly_scheme.pdb_ins_code 
B 2 CU  1  200 200 CU  CU  A . 
C 3 HOH 1  300 300 HOH HOH A . 
C 3 HOH 2  301 301 HOH HOH A . 
C 3 HOH 3  302 302 HOH HOH A . 
C 3 HOH 4  303 303 HOH HOH A . 
C 3 HOH 5  304 304 HOH HOH A . 
C 3 HOH 6  305 305 HOH HOH A . 
C 3 HOH 7  306 306 HOH HOH A . 
C 3 HOH 8  307 307 HOH HOH A . 
C 3 HOH 9  308 308 HOH HOH A . 
C 3 HOH 10 309 309 HOH HOH A . 
C 3 HOH 11 310 310 HOH HOH A . 
C 3 HOH 12 311 311 HOH HOH A . 
C 3 HOH 13 312 312 HOH HOH A . 
C 3 HOH 14 313 313 HOH HOH A . 
C 3 HOH 15 314 314 HOH HOH A . 
C 3 HOH 16 315 315 HOH HOH A . 
C 3 HOH 17 316 316 HOH HOH A . 
C 3 HOH 18 317 317 HOH HOH A . 
C 3 HOH 19 318 318 HOH HOH A . 
C 3 HOH 20 319 319 HOH HOH A . 
C 3 HOH 21 320 320 HOH HOH A . 
C 3 HOH 22 321 321 HOH HOH A . 
C 3 HOH 23 322 322 HOH HOH A . 
C 3 HOH 24 323 323 HOH HOH A . 
C 3 HOH 25 324 324 HOH HOH A . 
C 3 HOH 26 325 325 HOH HOH A . 
C 3 HOH 27 326 326 HOH HOH A . 
C 3 HOH 28 327 327 HOH HOH A . 
C 3 HOH 29 328 328 HOH HOH A . 
C 3 HOH 30 329 329 HOH HOH A . 
C 3 HOH 31 330 330 HOH HOH A . 
C 3 HOH 32 331 331 HOH HOH A . 
C 3 HOH 33 332 332 HOH HOH A . 
C 3 HOH 34 333 333 HOH HOH A . 
C 3 HOH 35 334 334 HOH HOH A . 
C 3 HOH 36 335 335 HOH HOH A . 
C 3 HOH 37 336 336 HOH HOH A . 
C 3 HOH 38 337 337 HOH HOH A . 
C 3 HOH 39 338 338 HOH HOH A . 
C 3 HOH 40 340 340 HOH HOH A . 
C 3 HOH 41 341 341 HOH HOH A . 
C 3 HOH 42 342 342 HOH HOH A . 
C 3 HOH 43 343 343 HOH HOH A . 
C 3 HOH 44 344 344 HOH HOH A . 
C 3 HOH 45 345 345 HOH HOH A . 
C 3 HOH 46 346 346 HOH HOH A . 
C 3 HOH 47 347 347 HOH HOH A . 
C 3 HOH 48 348 348 HOH HOH A . 
C 3 HOH 49 349 349 HOH HOH A . 
C 3 HOH 50 350 350 HOH HOH A . 
C 3 HOH 51 351 351 HOH HOH A . 
C 3 HOH 52 352 352 HOH HOH A . 
C 3 HOH 53 353 353 HOH HOH A . 
C 3 HOH 54 354 354 HOH HOH A . 
C 3 HOH 55 355 355 HOH HOH A . 
C 3 HOH 56 356 356 HOH HOH A . 
C 3 HOH 57 357 357 HOH HOH A . 
C 3 HOH 58 358 358 HOH HOH A . 
C 3 HOH 59 359 359 HOH HOH A . 
C 3 HOH 60 360 360 HOH HOH A . 
C 3 HOH 61 361 361 HOH HOH A . 
C 3 HOH 62 362 362 HOH HOH A . 
C 3 HOH 63 363 363 HOH HOH A . 
C 3 HOH 64 364 364 HOH HOH A . 
C 3 HOH 65 365 365 HOH HOH A . 
C 3 HOH 66 366 366 HOH HOH A . 
C 3 HOH 67 367 367 HOH HOH A . 
C 3 HOH 68 368 368 HOH HOH A . 
C 3 HOH 69 369 369 HOH HOH A . 
C 3 HOH 70 370 370 HOH HOH A . 
C 3 HOH 71 371 371 HOH HOH A . 
C 3 HOH 72 372 372 HOH HOH A . 
C 3 HOH 73 373 373 HOH HOH A . 
C 3 HOH 74 374 374 HOH HOH A . 
C 3 HOH 75 375 375 HOH HOH A . 
C 3 HOH 76 376 376 HOH HOH A . 
C 3 HOH 77 377 377 HOH HOH A . 
C 3 HOH 78 378 378 HOH HOH A . 
C 3 HOH 79 379 379 HOH HOH A . 
C 3 HOH 80 380 380 HOH HOH A . 
C 3 HOH 81 381 381 HOH HOH A . 
C 3 HOH 82 382 382 HOH HOH A . 
C 3 HOH 83 383 383 HOH HOH A . 
# 
loop_
_software.name 
_software.classification 
_software.version 
_software.citation_id 
_software.pdbx_ordinal 
AMoRE     phasing          . ? 1 
REFMAC    refinement       . ? 2 
DENZO     'data reduction' . ? 3 
SCALEPACK 'data scaling'   . ? 4 
# 
_cell.entry_id           1BXV 
_cell.length_a           43.060 
_cell.length_b           43.060 
_cell.length_c           57.040 
_cell.angle_alpha        90.00 
_cell.angle_beta         90.00 
_cell.angle_gamma        90.00 
_cell.Z_PDB              4 
_cell.pdbx_unique_axis   ? 
# 
_symmetry.entry_id                         1BXV 
_symmetry.space_group_name_H-M             'P 41' 
_symmetry.pdbx_full_space_group_name_H-M   ? 
_symmetry.cell_setting                     ? 
_symmetry.Int_Tables_number                76 
# 
_exptl.entry_id          1BXV 
_exptl.method            'X-RAY DIFFRACTION' 
_exptl.crystals_number   1 
# 
_exptl_crystal.id                    1 
_exptl_crystal.density_meas          ? 
_exptl_crystal.density_Matthews      2.7 
_exptl_crystal.density_percent_sol   54.5 
_exptl_crystal.description           ? 
# 
_exptl_crystal_grow.crystal_id      1 
_exptl_crystal_grow.method          ? 
_exptl_crystal_grow.temp            ? 
_exptl_crystal_grow.temp_details    ? 
_exptl_crystal_grow.pH              5.0 
_exptl_crystal_grow.pdbx_pH_range   ? 
_exptl_crystal_grow.pdbx_details    'pH 5.0' 
# 
_diffrn.id                     1 
_diffrn.ambient_temp           300 
_diffrn.ambient_temp_details   ? 
_diffrn.crystal_id             1 
# 
_diffrn_detector.diffrn_id              1 
_diffrn_detector.detector               DIFFRACTOMETER 
_diffrn_detector.type                   WEISSENBERG 
_diffrn_detector.pdbx_collection_date   1997-12 
_diffrn_detector.details                ? 
# 
_diffrn_radiation.diffrn_id                        1 
_diffrn_radiation.wavelength_id                    1 
_diffrn_radiation.pdbx_monochromatic_or_laue_m_l   M 
_diffrn_radiation.monochromator                    'SI(111)' 
_diffrn_radiation.pdbx_diffrn_protocol             ? 
_diffrn_radiation.pdbx_scattering_type             x-ray 
# 
_diffrn_radiation_wavelength.id           1 
_diffrn_radiation_wavelength.wavelength   1.0 
_diffrn_radiation_wavelength.wt           1.0 
# 
_diffrn_source.diffrn_id                   1 
_diffrn_source.source                      SYNCHROTRON 
_diffrn_source.type                        'PHOTON FACTORY BEAMLINE BL-6A' 
_diffrn_source.pdbx_synchrotron_site       'Photon Factory' 
_diffrn_source.pdbx_synchrotron_beamline   BL-6A 
_diffrn_source.pdbx_wavelength             1.0 
_diffrn_source.pdbx_wavelength_list        ? 
# 
_reflns.entry_id                     1BXV 
_reflns.observed_criterion_sigma_I   ? 
_reflns.observed_criterion_sigma_F   ? 
_reflns.d_resolution_low             30 
_reflns.d_resolution_high            1.8 
_reflns.number_obs                   9370 
_reflns.number_all                   ? 
_reflns.percent_possible_obs         96.2 
_reflns.pdbx_Rmerge_I_obs            0.0610000 
_reflns.pdbx_Rsym_value              ? 
_reflns.pdbx_netI_over_sigmaI        ? 
_reflns.B_iso_Wilson_estimate        ? 
_reflns.pdbx_redundancy              3.6 
_reflns.pdbx_ordinal                 1 
_reflns.pdbx_diffrn_id               1 
# 
_reflns_shell.d_res_high             1.8 
_reflns_shell.d_res_low              1.86 
_reflns_shell.percent_possible_all   76.9 
_reflns_shell.Rmerge_I_obs           0.2010000 
_reflns_shell.pdbx_Rsym_value        ? 
_reflns_shell.meanI_over_sigI_obs    ? 
_reflns_shell.pdbx_redundancy        ? 
_reflns_shell.pdbx_ordinal           1 
_reflns_shell.pdbx_diffrn_id         1 
# 
_refine.entry_id                                 1BXV 
_refine.ls_number_reflns_obs                     8412 
_refine.ls_number_reflns_all                     ? 
_refine.pdbx_ls_sigma_I                          ? 
_refine.pdbx_ls_sigma_F                          0.0 
_refine.pdbx_data_cutoff_high_absF               ? 
_refine.pdbx_data_cutoff_low_absF                ? 
_refine.pdbx_data_cutoff_high_rms_absF           ? 
_refine.ls_d_res_low                             10 
_refine.ls_d_res_high                            1.8 
_refine.ls_percent_reflns_obs                    96 
_refine.ls_R_factor_obs                          0.1590000 
_refine.ls_R_factor_all                          ? 
_refine.ls_R_factor_R_work                       0.1620000 
_refine.ls_R_factor_R_free                       0.1950000 
_refine.ls_R_factor_R_free_error                 ? 
_refine.ls_R_factor_R_free_error_details         ? 
_refine.ls_percent_reflns_R_free                 10 
_refine.ls_number_reflns_R_free                  837 
_refine.ls_number_parameters                     ? 
_refine.ls_number_restraints                     ? 
_refine.occupancy_min                            ? 
_refine.occupancy_max                            ? 
_refine.B_iso_mean                               21.2 
_refine.aniso_B[1][1]                            ? 
_refine.aniso_B[2][2]                            ? 
_refine.aniso_B[3][3]                            ? 
_refine.aniso_B[1][2]                            ? 
_refine.aniso_B[1][3]                            ? 
_refine.aniso_B[2][3]                            ? 
_refine.solvent_model_details                    ? 
_refine.solvent_model_param_ksol                 ? 
_refine.solvent_model_param_bsol                 ? 
_refine.pdbx_ls_cross_valid_method               THROUGHOUT 
_refine.details                                  ? 
_refine.pdbx_starting_model                      'OXIDIZED FORM' 
_refine.pdbx_method_to_determine_struct          'MOLECULAR REPLACEMENT' 
_refine.pdbx_isotropic_thermal_model             ? 
_refine.pdbx_stereochemistry_target_values       ? 
_refine.pdbx_stereochem_target_val_spec_case     ? 
_refine.pdbx_R_Free_selection_details            RANDOM 
_refine.pdbx_overall_ESU_R                       0.12 
_refine.pdbx_overall_ESU_R_Free                  0.11 
_refine.overall_SU_ML                            0.07 
_refine.overall_SU_B                             2.39 
_refine.pdbx_refine_id                           'X-RAY DIFFRACTION' 
_refine.pdbx_diffrn_id                           1 
_refine.pdbx_TLS_residual_ADP_flag               ? 
_refine.correlation_coeff_Fo_to_Fc               ? 
_refine.correlation_coeff_Fo_to_Fc_free          ? 
_refine.pdbx_solvent_vdw_probe_radii             ? 
_refine.pdbx_solvent_ion_probe_radii             ? 
_refine.pdbx_solvent_shrinkage_radii             ? 
_refine.pdbx_overall_phase_error                 ? 
_refine.overall_SU_R_Cruickshank_DPI             ? 
_refine.pdbx_overall_SU_R_free_Cruickshank_DPI   ? 
_refine.pdbx_overall_SU_R_Blow_DPI               ? 
_refine.pdbx_overall_SU_R_free_Blow_DPI          ? 
# 
_refine_hist.pdbx_refine_id                   'X-RAY DIFFRACTION' 
_refine_hist.cycle_id                         LAST 
_refine_hist.pdbx_number_atoms_protein        693 
_refine_hist.pdbx_number_atoms_nucleic_acid   0 
_refine_hist.pdbx_number_atoms_ligand         1 
_refine_hist.number_atoms_solvent             83 
_refine_hist.number_atoms_total               777 
_refine_hist.d_res_high                       1.8 
_refine_hist.d_res_low                        10 
# 
loop_
_refine_ls_restr.type 
_refine_ls_restr.dev_ideal 
_refine_ls_restr.dev_ideal_target 
_refine_ls_restr.weight 
_refine_ls_restr.number 
_refine_ls_restr.pdbx_refine_id 
_refine_ls_restr.pdbx_restraint_function 
p_bond_d            0.014 0.02 ? ? 'X-RAY DIFFRACTION' ? 
p_angle_d           0.026 0.03 ? ? 'X-RAY DIFFRACTION' ? 
p_angle_deg         ?     ?    ? ? 'X-RAY DIFFRACTION' ? 
p_planar_d          0.032 0.05 ? ? 'X-RAY DIFFRACTION' ? 
p_hb_or_metal_coord ?     ?    ? ? 'X-RAY DIFFRACTION' ? 
p_mcbond_it         1.714 2    ? ? 'X-RAY DIFFRACTION' ? 
p_mcangle_it        2.398 3    ? ? 'X-RAY DIFFRACTION' ? 
p_scbond_it         2.621 2    ? ? 'X-RAY DIFFRACTION' ? 
p_scangle_it        4.029 3    ? ? 'X-RAY DIFFRACTION' ? 
p_plane_restr       ?     ?    ? ? 'X-RAY DIFFRACTION' ? 
p_chiral_restr      0.198 0.15 ? ? 'X-RAY DIFFRACTION' ? 
p_singtor_nbd       0.178 0.3  ? ? 'X-RAY DIFFRACTION' ? 
p_multtor_nbd       0.241 0.3  ? ? 'X-RAY DIFFRACTION' ? 
p_xhyhbond_nbd      ?     ?    ? ? 'X-RAY DIFFRACTION' ? 
p_xyhbond_nbd       ?     ?    ? ? 'X-RAY DIFFRACTION' ? 
p_planar_tor        3.2   2    ? ? 'X-RAY DIFFRACTION' ? 
p_staggered_tor     17.8  15   ? ? 'X-RAY DIFFRACTION' ? 
p_orthonormal_tor   ?     ?    ? ? 'X-RAY DIFFRACTION' ? 
p_transverse_tor    14.8  20   ? ? 'X-RAY DIFFRACTION' ? 
p_special_tor       0     15   ? ? 'X-RAY DIFFRACTION' ? 
# 
_struct.entry_id                  1BXV 
_struct.title                     'REDUCED PLASTOCYANIN FROM SYNECHOCOCCUS SP.' 
_struct.pdbx_model_details        ? 
_struct.pdbx_CASP_flag            ? 
_struct.pdbx_model_type_details   ? 
# 
_struct_keywords.entry_id        1BXV 
_struct_keywords.pdbx_keywords   'COPPER PROTEIN' 
_struct_keywords.text            'COPPER PROTEIN, ELECTRON TRANSFER' 
# 
loop_
_struct_asym.id 
_struct_asym.pdbx_blank_PDB_chainid_flag 
_struct_asym.pdbx_modified 
_struct_asym.entity_id 
_struct_asym.details 
A N N 1 ? 
B N N 2 ? 
C N N 3 ? 
# 
_struct_ref.id                         1 
_struct_ref.db_name                    UNP 
_struct_ref.db_code                    PLAS_SYNP7 
_struct_ref.entity_id                  1 
_struct_ref.pdbx_db_accession          P55020 
_struct_ref.pdbx_align_begin           1 
_struct_ref.pdbx_seq_one_letter_code   
;MKVLASFARRLSLFAVAAVLCVGSFFLSAAPASAQTVAIKMGADNGMLAFEPSTIEIQAGDTVQWVNNKLAPHNVVVEGQ
PELSHKDLAFSPGETFEATFSEPGTYTYYCEPHRGAGMVGKIVVQ
;
_struct_ref.pdbx_db_isoform            ? 
# 
_struct_ref_seq.align_id                      1 
_struct_ref_seq.ref_id                        1 
_struct_ref_seq.pdbx_PDB_id_code              1BXV 
_struct_ref_seq.pdbx_strand_id                A 
_struct_ref_seq.seq_align_beg                 1 
_struct_ref_seq.pdbx_seq_align_beg_ins_code   ? 
_struct_ref_seq.seq_align_end                 91 
_struct_ref_seq.pdbx_seq_align_end_ins_code   ? 
_struct_ref_seq.pdbx_db_accession             P55020 
_struct_ref_seq.db_align_beg                  35 
_struct_ref_seq.pdbx_db_align_beg_ins_code    ? 
_struct_ref_seq.db_align_end                  125 
_struct_ref_seq.pdbx_db_align_end_ins_code    ? 
_struct_ref_seq.pdbx_auth_seq_align_beg       -2 
_struct_ref_seq.pdbx_auth_seq_align_end       99 
# 
_pdbx_struct_assembly.id                   1 
_pdbx_struct_assembly.details              author_defined_assembly 
_pdbx_struct_assembly.method_details       ? 
_pdbx_struct_assembly.oligomeric_details   monomeric 
_pdbx_struct_assembly.oligomeric_count     1 
# 
_pdbx_struct_assembly_gen.assembly_id       1 
_pdbx_struct_assembly_gen.oper_expression   1 
_pdbx_struct_assembly_gen.asym_id_list      A,B,C 
# 
_pdbx_struct_oper_list.id                   1 
_pdbx_struct_oper_list.type                 'identity operation' 
_pdbx_struct_oper_list.name                 1_555 
_pdbx_struct_oper_list.symmetry_operation   x,y,z 
_pdbx_struct_oper_list.matrix[1][1]         1.0000000000 
_pdbx_struct_oper_list.matrix[1][2]         0.0000000000 
_pdbx_struct_oper_list.matrix[1][3]         0.0000000000 
_pdbx_struct_oper_list.vector[1]            0.0000000000 
_pdbx_struct_oper_list.matrix[2][1]         0.0000000000 
_pdbx_struct_oper_list.matrix[2][2]         1.0000000000 
_pdbx_struct_oper_list.matrix[2][3]         0.0000000000 
_pdbx_struct_oper_list.vector[2]            0.0000000000 
_pdbx_struct_oper_list.matrix[3][1]         0.0000000000 
_pdbx_struct_oper_list.matrix[3][2]         0.0000000000 
_pdbx_struct_oper_list.matrix[3][3]         1.0000000000 
_pdbx_struct_oper_list.vector[3]            0.0000000000 
# 
_struct_biol.id   1 
# 
loop_
_struct_conf.conf_type_id 
_struct_conf.id 
_struct_conf.pdbx_PDB_helix_id 
_struct_conf.beg_label_comp_id 
_struct_conf.beg_label_asym_id 
_struct_conf.beg_label_seq_id 
_struct_conf.pdbx_beg_PDB_ins_code 
_struct_conf.end_label_comp_id 
_struct_conf.end_label_asym_id 
_struct_conf.end_label_seq_id 
_struct_conf.pdbx_end_PDB_ins_code 
_struct_conf.beg_auth_comp_id 
_struct_conf.beg_auth_asym_id 
_struct_conf.beg_auth_seq_id 
_struct_conf.end_auth_comp_id 
_struct_conf.end_auth_asym_id 
_struct_conf.end_auth_seq_id 
_struct_conf.pdbx_PDB_helix_class 
_struct_conf.details 
_struct_conf.pdbx_PDB_helix_length 
HELX_P HELX_P1 1 PRO A 47 ? LEU A 49 ? PRO A 53 LEU A 55 5 ? 3 
HELX_P HELX_P2 2 ARG A 80 ? ALA A 82 ? ARG A 88 ALA A 90 5 ? 3 
# 
_struct_conf_type.id          HELX_P 
_struct_conf_type.criteria    ? 
_struct_conf_type.reference   ? 
# 
loop_
_struct_conn.id 
_struct_conn.conn_type_id 
_struct_conn.pdbx_leaving_atom_flag 
_struct_conn.pdbx_PDB_id 
_struct_conn.ptnr1_label_asym_id 
_struct_conn.ptnr1_label_comp_id 
_struct_conn.ptnr1_label_seq_id 
_struct_conn.ptnr1_label_atom_id 
_struct_conn.pdbx_ptnr1_label_alt_id 
_struct_conn.pdbx_ptnr1_PDB_ins_code 
_struct_conn.pdbx_ptnr1_standard_comp_id 
_struct_conn.ptnr1_symmetry 
_struct_conn.ptnr2_label_asym_id 
_struct_conn.ptnr2_label_comp_id 
_struct_conn.ptnr2_label_seq_id 
_struct_conn.ptnr2_label_atom_id 
_struct_conn.pdbx_ptnr2_label_alt_id 
_struct_conn.pdbx_ptnr2_PDB_ins_code 
_struct_conn.ptnr1_auth_asym_id 
_struct_conn.ptnr1_auth_comp_id 
_struct_conn.ptnr1_auth_seq_id 
_struct_conn.ptnr2_auth_asym_id 
_struct_conn.ptnr2_auth_comp_id 
_struct_conn.ptnr2_auth_seq_id 
_struct_conn.ptnr2_symmetry 
_struct_conn.pdbx_ptnr3_label_atom_id 
_struct_conn.pdbx_ptnr3_label_seq_id 
_struct_conn.pdbx_ptnr3_label_comp_id 
_struct_conn.pdbx_ptnr3_label_asym_id 
_struct_conn.pdbx_ptnr3_label_alt_id 
_struct_conn.pdbx_ptnr3_PDB_ins_code 
_struct_conn.details 
_struct_conn.pdbx_dist_value 
_struct_conn.pdbx_value_order 
_struct_conn.pdbx_role 
metalc1 metalc ? ? A HIS 39 ND1 ? ? ? 1_555 B CU . CU ? ? A HIS 37 A CU 200 1_555 ? ? ? ? ? ? ? 2.087 ? ? 
metalc2 metalc ? ? A CYS 76 SG  ? ? ? 1_555 B CU . CU ? ? A CYS 84 A CU 200 1_555 ? ? ? ? ? ? ? 2.176 ? ? 
metalc3 metalc ? ? A HIS 79 ND1 ? ? ? 1_555 B CU . CU ? ? A HIS 87 A CU 200 1_555 ? ? ? ? ? ? ? 2.374 ? ? 
# 
_struct_conn_type.id          metalc 
_struct_conn_type.criteria    ? 
_struct_conn_type.reference   ? 
# 
loop_
_pdbx_struct_conn_angle.id 
_pdbx_struct_conn_angle.ptnr1_label_atom_id 
_pdbx_struct_conn_angle.ptnr1_label_alt_id 
_pdbx_struct_conn_angle.ptnr1_label_asym_id 
_pdbx_struct_conn_angle.ptnr1_label_comp_id 
_pdbx_struct_conn_angle.ptnr1_label_seq_id 
_pdbx_struct_conn_angle.ptnr1_auth_atom_id 
_pdbx_struct_conn_angle.ptnr1_auth_asym_id 
_pdbx_struct_conn_angle.ptnr1_auth_comp_id 
_pdbx_struct_conn_angle.ptnr1_auth_seq_id 
_pdbx_struct_conn_angle.ptnr1_PDB_ins_code 
_pdbx_struct_conn_angle.ptnr1_symmetry 
_pdbx_struct_conn_angle.ptnr2_label_atom_id 
_pdbx_struct_conn_angle.ptnr2_label_alt_id 
_pdbx_struct_conn_angle.ptnr2_label_asym_id 
_pdbx_struct_conn_angle.ptnr2_label_comp_id 
_pdbx_struct_conn_angle.ptnr2_label_seq_id 
_pdbx_struct_conn_angle.ptnr2_auth_atom_id 
_pdbx_struct_conn_angle.ptnr2_auth_asym_id 
_pdbx_struct_conn_angle.ptnr2_auth_comp_id 
_pdbx_struct_conn_angle.ptnr2_auth_seq_id 
_pdbx_struct_conn_angle.ptnr2_PDB_ins_code 
_pdbx_struct_conn_angle.ptnr2_symmetry 
_pdbx_struct_conn_angle.ptnr3_label_atom_id 
_pdbx_struct_conn_angle.ptnr3_label_alt_id 
_pdbx_struct_conn_angle.ptnr3_label_asym_id 
_pdbx_struct_conn_angle.ptnr3_label_comp_id 
_pdbx_struct_conn_angle.ptnr3_label_seq_id 
_pdbx_struct_conn_angle.ptnr3_auth_atom_id 
_pdbx_struct_conn_angle.ptnr3_auth_asym_id 
_pdbx_struct_conn_angle.ptnr3_auth_comp_id 
_pdbx_struct_conn_angle.ptnr3_auth_seq_id 
_pdbx_struct_conn_angle.ptnr3_PDB_ins_code 
_pdbx_struct_conn_angle.ptnr3_symmetry 
_pdbx_struct_conn_angle.value 
_pdbx_struct_conn_angle.value_esd 
1 ND1 ? A HIS 39 ? A HIS 37 ? 1_555 CU ? B CU . ? A CU 200 ? 1_555 SG  ? A CYS 76 ? A CYS 84 ? 1_555 140.2 ? 
2 ND1 ? A HIS 39 ? A HIS 37 ? 1_555 CU ? B CU . ? A CU 200 ? 1_555 ND1 ? A HIS 79 ? A HIS 87 ? 1_555 93.4  ? 
3 SG  ? A CYS 76 ? A CYS 84 ? 1_555 CU ? B CU . ? A CU 200 ? 1_555 ND1 ? A HIS 79 ? A HIS 87 ? 1_555 108.5 ? 
# 
loop_
_struct_mon_prot_cis.pdbx_id 
_struct_mon_prot_cis.label_comp_id 
_struct_mon_prot_cis.label_seq_id 
_struct_mon_prot_cis.label_asym_id 
_struct_mon_prot_cis.label_alt_id 
_struct_mon_prot_cis.pdbx_PDB_ins_code 
_struct_mon_prot_cis.auth_comp_id 
_struct_mon_prot_cis.auth_seq_id 
_struct_mon_prot_cis.auth_asym_id 
_struct_mon_prot_cis.pdbx_label_comp_id_2 
_struct_mon_prot_cis.pdbx_label_seq_id_2 
_struct_mon_prot_cis.pdbx_label_asym_id_2 
_struct_mon_prot_cis.pdbx_PDB_ins_code_2 
_struct_mon_prot_cis.pdbx_auth_comp_id_2 
_struct_mon_prot_cis.pdbx_auth_seq_id_2 
_struct_mon_prot_cis.pdbx_auth_asym_id_2 
_struct_mon_prot_cis.pdbx_PDB_model_num 
_struct_mon_prot_cis.pdbx_omega_angle 
1 GLU 17 A . ? GLU 15 A PRO 18 A ? PRO 16 A 1 4.76 
2 ALA 37 A . ? ALA 35 A PRO 38 A ? PRO 36 A 1 6.61 
# 
loop_
_struct_sheet.id 
_struct_sheet.type 
_struct_sheet.number_strands 
_struct_sheet.details 
A ? 3 ? 
B ? 3 ? 
# 
loop_
_struct_sheet_order.sheet_id 
_struct_sheet_order.range_id_1 
_struct_sheet_order.range_id_2 
_struct_sheet_order.offset 
_struct_sheet_order.sense 
A 1 2 ? parallel      
A 2 3 ? anti-parallel 
B 1 2 ? parallel      
B 2 3 ? anti-parallel 
# 
loop_
_struct_sheet_range.sheet_id 
_struct_sheet_range.id 
_struct_sheet_range.beg_label_comp_id 
_struct_sheet_range.beg_label_asym_id 
_struct_sheet_range.beg_label_seq_id 
_struct_sheet_range.pdbx_beg_PDB_ins_code 
_struct_sheet_range.end_label_comp_id 
_struct_sheet_range.end_label_asym_id 
_struct_sheet_range.end_label_seq_id 
_struct_sheet_range.pdbx_end_PDB_ins_code 
_struct_sheet_range.beg_auth_comp_id 
_struct_sheet_range.beg_auth_asym_id 
_struct_sheet_range.beg_auth_seq_id 
_struct_sheet_range.end_auth_comp_id 
_struct_sheet_range.end_auth_asym_id 
_struct_sheet_range.end_auth_seq_id 
A 1 THR A 2  ? MET A 7  ? THR A -1 MET A 5  
A 2 THR A 28 ? ASN A 33 ? THR A 26 ASN A 31 
A 3 THR A 61 ? THR A 65 ? THR A 69 THR A 73 
B 1 THR A 20 ? GLN A 24 ? THR A 18 GLN A 22 
B 2 VAL A 85 ? GLN A 91 ? VAL A 93 GLN A 99 
B 3 GLY A 70 ? TYR A 75 ? GLY A 78 TYR A 83 
# 
loop_
_pdbx_struct_sheet_hbond.sheet_id 
_pdbx_struct_sheet_hbond.range_id_1 
_pdbx_struct_sheet_hbond.range_id_2 
_pdbx_struct_sheet_hbond.range_1_label_atom_id 
_pdbx_struct_sheet_hbond.range_1_label_comp_id 
_pdbx_struct_sheet_hbond.range_1_label_asym_id 
_pdbx_struct_sheet_hbond.range_1_label_seq_id 
_pdbx_struct_sheet_hbond.range_1_PDB_ins_code 
_pdbx_struct_sheet_hbond.range_1_auth_atom_id 
_pdbx_struct_sheet_hbond.range_1_auth_comp_id 
_pdbx_struct_sheet_hbond.range_1_auth_asym_id 
_pdbx_struct_sheet_hbond.range_1_auth_seq_id 
_pdbx_struct_sheet_hbond.range_2_label_atom_id 
_pdbx_struct_sheet_hbond.range_2_label_comp_id 
_pdbx_struct_sheet_hbond.range_2_label_asym_id 
_pdbx_struct_sheet_hbond.range_2_label_seq_id 
_pdbx_struct_sheet_hbond.range_2_PDB_ins_code 
_pdbx_struct_sheet_hbond.range_2_auth_atom_id 
_pdbx_struct_sheet_hbond.range_2_auth_comp_id 
_pdbx_struct_sheet_hbond.range_2_auth_asym_id 
_pdbx_struct_sheet_hbond.range_2_auth_seq_id 
A 1 2 O VAL A 3  ? O VAL A 1  N THR A 28 ? N THR A 26 
A 2 3 O VAL A 29 ? O VAL A 27 N ALA A 64 ? N ALA A 72 
B 1 2 O ILE A 21 ? O ILE A 19 N LYS A 87 ? N LYS A 95 
B 2 3 O GLY A 86 ? O GLY A 94 N TYR A 74 ? N TYR A 82 
# 
loop_
_struct_site.id 
_struct_site.pdbx_evidence_code 
_struct_site.pdbx_auth_asym_id 
_struct_site.pdbx_auth_comp_id 
_struct_site.pdbx_auth_seq_id 
_struct_site.pdbx_auth_ins_code 
_struct_site.pdbx_num_residues 
_struct_site.details 
CUB Unknown  ? ?  ?   ? 4 'COPPER BINDING SITE'               
AC1 Software A CU 200 ? 4 'BINDING SITE FOR RESIDUE CU A 200' 
# 
loop_
_struct_site_gen.id 
_struct_site_gen.site_id 
_struct_site_gen.pdbx_num_res 
_struct_site_gen.label_comp_id 
_struct_site_gen.label_asym_id 
_struct_site_gen.label_seq_id 
_struct_site_gen.pdbx_auth_ins_code 
_struct_site_gen.auth_comp_id 
_struct_site_gen.auth_asym_id 
_struct_site_gen.auth_seq_id 
_struct_site_gen.label_atom_id 
_struct_site_gen.label_alt_id 
_struct_site_gen.symmetry 
_struct_site_gen.details 
1 CUB 4 HIS A 39 ? HIS A 37 . ? 1_555 ? 
2 CUB 4 CYS A 76 ? CYS A 84 . ? 1_555 ? 
3 CUB 4 HIS A 79 ? HIS A 87 . ? 1_555 ? 
4 CUB 4 MET A 84 ? MET A 92 . ? 1_555 ? 
5 AC1 4 HIS A 39 ? HIS A 37 . ? 1_555 ? 
6 AC1 4 CYS A 76 ? CYS A 84 . ? 1_555 ? 
7 AC1 4 HIS A 79 ? HIS A 87 . ? 1_555 ? 
8 AC1 4 MET A 84 ? MET A 92 . ? 1_555 ? 
# 
_pdbx_validate_torsion.id              1 
_pdbx_validate_torsion.PDB_model_num   1 
_pdbx_validate_torsion.auth_comp_id    ASN 
_pdbx_validate_torsion.auth_asym_id    A 
_pdbx_validate_torsion.auth_seq_id     32 
_pdbx_validate_torsion.PDB_ins_code    ? 
_pdbx_validate_torsion.label_alt_id    ? 
_pdbx_validate_torsion.phi             -108.47 
_pdbx_validate_torsion.psi             -69.01 
# 
loop_
_chem_comp_atom.comp_id 
_chem_comp_atom.atom_id 
_chem_comp_atom.type_symbol 
_chem_comp_atom.pdbx_aromatic_flag 
_chem_comp_atom.pdbx_stereo_config 
_chem_comp_atom.pdbx_ordinal 
ALA N    N  N N 1   
ALA CA   C  N S 2   
ALA C    C  N N 3   
ALA O    O  N N 4   
ALA CB   C  N N 5   
ALA OXT  O  N N 6   
ALA H    H  N N 7   
ALA H2   H  N N 8   
ALA HA   H  N N 9   
ALA HB1  H  N N 10  
ALA HB2  H  N N 11  
ALA HB3  H  N N 12  
ALA HXT  H  N N 13  
ARG N    N  N N 14  
ARG CA   C  N S 15  
ARG C    C  N N 16  
ARG O    O  N N 17  
ARG CB   C  N N 18  
ARG CG   C  N N 19  
ARG CD   C  N N 20  
ARG NE   N  N N 21  
ARG CZ   C  N N 22  
ARG NH1  N  N N 23  
ARG NH2  N  N N 24  
ARG OXT  O  N N 25  
ARG H    H  N N 26  
ARG H2   H  N N 27  
ARG HA   H  N N 28  
ARG HB2  H  N N 29  
ARG HB3  H  N N 30  
ARG HG2  H  N N 31  
ARG HG3  H  N N 32  
ARG HD2  H  N N 33  
ARG HD3  H  N N 34  
ARG HE   H  N N 35  
ARG HH11 H  N N 36  
ARG HH12 H  N N 37  
ARG HH21 H  N N 38  
ARG HH22 H  N N 39  
ARG HXT  H  N N 40  
ASN N    N  N N 41  
ASN CA   C  N S 42  
ASN C    C  N N 43  
ASN O    O  N N 44  
ASN CB   C  N N 45  
ASN CG   C  N N 46  
ASN OD1  O  N N 47  
ASN ND2  N  N N 48  
ASN OXT  O  N N 49  
ASN H    H  N N 50  
ASN H2   H  N N 51  
ASN HA   H  N N 52  
ASN HB2  H  N N 53  
ASN HB3  H  N N 54  
ASN HD21 H  N N 55  
ASN HD22 H  N N 56  
ASN HXT  H  N N 57  
ASP N    N  N N 58  
ASP CA   C  N S 59  
ASP C    C  N N 60  
ASP O    O  N N 61  
ASP CB   C  N N 62  
ASP CG   C  N N 63  
ASP OD1  O  N N 64  
ASP OD2  O  N N 65  
ASP OXT  O  N N 66  
ASP H    H  N N 67  
ASP H2   H  N N 68  
ASP HA   H  N N 69  
ASP HB2  H  N N 70  
ASP HB3  H  N N 71  
ASP HD2  H  N N 72  
ASP HXT  H  N N 73  
CU  CU   CU N N 74  
CYS N    N  N N 75  
CYS CA   C  N R 76  
CYS C    C  N N 77  
CYS O    O  N N 78  
CYS CB   C  N N 79  
CYS SG   S  N N 80  
CYS OXT  O  N N 81  
CYS H    H  N N 82  
CYS H2   H  N N 83  
CYS HA   H  N N 84  
CYS HB2  H  N N 85  
CYS HB3  H  N N 86  
CYS HG   H  N N 87  
CYS HXT  H  N N 88  
GLN N    N  N N 89  
GLN CA   C  N S 90  
GLN C    C  N N 91  
GLN O    O  N N 92  
GLN CB   C  N N 93  
GLN CG   C  N N 94  
GLN CD   C  N N 95  
GLN OE1  O  N N 96  
GLN NE2  N  N N 97  
GLN OXT  O  N N 98  
GLN H    H  N N 99  
GLN H2   H  N N 100 
GLN HA   H  N N 101 
GLN HB2  H  N N 102 
GLN HB3  H  N N 103 
GLN HG2  H  N N 104 
GLN HG3  H  N N 105 
GLN HE21 H  N N 106 
GLN HE22 H  N N 107 
GLN HXT  H  N N 108 
GLU N    N  N N 109 
GLU CA   C  N S 110 
GLU C    C  N N 111 
GLU O    O  N N 112 
GLU CB   C  N N 113 
GLU CG   C  N N 114 
GLU CD   C  N N 115 
GLU OE1  O  N N 116 
GLU OE2  O  N N 117 
GLU OXT  O  N N 118 
GLU H    H  N N 119 
GLU H2   H  N N 120 
GLU HA   H  N N 121 
GLU HB2  H  N N 122 
GLU HB3  H  N N 123 
GLU HG2  H  N N 124 
GLU HG3  H  N N 125 
GLU HE2  H  N N 126 
GLU HXT  H  N N 127 
GLY N    N  N N 128 
GLY CA   C  N N 129 
GLY C    C  N N 130 
GLY O    O  N N 131 
GLY OXT  O  N N 132 
GLY H    H  N N 133 
GLY H2   H  N N 134 
GLY HA2  H  N N 135 
GLY HA3  H  N N 136 
GLY HXT  H  N N 137 
HIS N    N  N N 138 
HIS CA   C  N S 139 
HIS C    C  N N 140 
HIS O    O  N N 141 
HIS CB   C  N N 142 
HIS CG   C  Y N 143 
HIS ND1  N  Y N 144 
HIS CD2  C  Y N 145 
HIS CE1  C  Y N 146 
HIS NE2  N  Y N 147 
HIS OXT  O  N N 148 
HIS H    H  N N 149 
HIS H2   H  N N 150 
HIS HA   H  N N 151 
HIS HB2  H  N N 152 
HIS HB3  H  N N 153 
HIS HD1  H  N N 154 
HIS HD2  H  N N 155 
HIS HE1  H  N N 156 
HIS HE2  H  N N 157 
HIS HXT  H  N N 158 
HOH O    O  N N 159 
HOH H1   H  N N 160 
HOH H2   H  N N 161 
ILE N    N  N N 162 
ILE CA   C  N S 163 
ILE C    C  N N 164 
ILE O    O  N N 165 
ILE CB   C  N S 166 
ILE CG1  C  N N 167 
ILE CG2  C  N N 168 
ILE CD1  C  N N 169 
ILE OXT  O  N N 170 
ILE H    H  N N 171 
ILE H2   H  N N 172 
ILE HA   H  N N 173 
ILE HB   H  N N 174 
ILE HG12 H  N N 175 
ILE HG13 H  N N 176 
ILE HG21 H  N N 177 
ILE HG22 H  N N 178 
ILE HG23 H  N N 179 
ILE HD11 H  N N 180 
ILE HD12 H  N N 181 
ILE HD13 H  N N 182 
ILE HXT  H  N N 183 
LEU N    N  N N 184 
LEU CA   C  N S 185 
LEU C    C  N N 186 
LEU O    O  N N 187 
LEU CB   C  N N 188 
LEU CG   C  N N 189 
LEU CD1  C  N N 190 
LEU CD2  C  N N 191 
LEU OXT  O  N N 192 
LEU H    H  N N 193 
LEU H2   H  N N 194 
LEU HA   H  N N 195 
LEU HB2  H  N N 196 
LEU HB3  H  N N 197 
LEU HG   H  N N 198 
LEU HD11 H  N N 199 
LEU HD12 H  N N 200 
LEU HD13 H  N N 201 
LEU HD21 H  N N 202 
LEU HD22 H  N N 203 
LEU HD23 H  N N 204 
LEU HXT  H  N N 205 
LYS N    N  N N 206 
LYS CA   C  N S 207 
LYS C    C  N N 208 
LYS O    O  N N 209 
LYS CB   C  N N 210 
LYS CG   C  N N 211 
LYS CD   C  N N 212 
LYS CE   C  N N 213 
LYS NZ   N  N N 214 
LYS OXT  O  N N 215 
LYS H    H  N N 216 
LYS H2   H  N N 217 
LYS HA   H  N N 218 
LYS HB2  H  N N 219 
LYS HB3  H  N N 220 
LYS HG2  H  N N 221 
LYS HG3  H  N N 222 
LYS HD2  H  N N 223 
LYS HD3  H  N N 224 
LYS HE2  H  N N 225 
LYS HE3  H  N N 226 
LYS HZ1  H  N N 227 
LYS HZ2  H  N N 228 
LYS HZ3  H  N N 229 
LYS HXT  H  N N 230 
MET N    N  N N 231 
MET CA   C  N S 232 
MET C    C  N N 233 
MET O    O  N N 234 
MET CB   C  N N 235 
MET CG   C  N N 236 
MET SD   S  N N 237 
MET CE   C  N N 238 
MET OXT  O  N N 239 
MET H    H  N N 240 
MET H2   H  N N 241 
MET HA   H  N N 242 
MET HB2  H  N N 243 
MET HB3  H  N N 244 
MET HG2  H  N N 245 
MET HG3  H  N N 246 
MET HE1  H  N N 247 
MET HE2  H  N N 248 
MET HE3  H  N N 249 
MET HXT  H  N N 250 
PHE N    N  N N 251 
PHE CA   C  N S 252 
PHE C    C  N N 253 
PHE O    O  N N 254 
PHE CB   C  N N 255 
PHE CG   C  Y N 256 
PHE CD1  C  Y N 257 
PHE CD2  C  Y N 258 
PHE CE1  C  Y N 259 
PHE CE2  C  Y N 260 
PHE CZ   C  Y N 261 
PHE OXT  O  N N 262 
PHE H    H  N N 263 
PHE H2   H  N N 264 
PHE HA   H  N N 265 
PHE HB2  H  N N 266 
PHE HB3  H  N N 267 
PHE HD1  H  N N 268 
PHE HD2  H  N N 269 
PHE HE1  H  N N 270 
PHE HE2  H  N N 271 
PHE HZ   H  N N 272 
PHE HXT  H  N N 273 
PRO N    N  N N 274 
PRO CA   C  N S 275 
PRO C    C  N N 276 
PRO O    O  N N 277 
PRO CB   C  N N 278 
PRO CG   C  N N 279 
PRO CD   C  N N 280 
PRO OXT  O  N N 281 
PRO H    H  N N 282 
PRO HA   H  N N 283 
PRO HB2  H  N N 284 
PRO HB3  H  N N 285 
PRO HG2  H  N N 286 
PRO HG3  H  N N 287 
PRO HD2  H  N N 288 
PRO HD3  H  N N 289 
PRO HXT  H  N N 290 
SER N    N  N N 291 
SER CA   C  N S 292 
SER C    C  N N 293 
SER O    O  N N 294 
SER CB   C  N N 295 
SER OG   O  N N 296 
SER OXT  O  N N 297 
SER H    H  N N 298 
SER H2   H  N N 299 
SER HA   H  N N 300 
SER HB2  H  N N 301 
SER HB3  H  N N 302 
SER HG   H  N N 303 
SER HXT  H  N N 304 
THR N    N  N N 305 
THR CA   C  N S 306 
THR C    C  N N 307 
THR O    O  N N 308 
THR CB   C  N R 309 
THR OG1  O  N N 310 
THR CG2  C  N N 311 
THR OXT  O  N N 312 
THR H    H  N N 313 
THR H2   H  N N 314 
THR HA   H  N N 315 
THR HB   H  N N 316 
THR HG1  H  N N 317 
THR HG21 H  N N 318 
THR HG22 H  N N 319 
THR HG23 H  N N 320 
THR HXT  H  N N 321 
TRP N    N  N N 322 
TRP CA   C  N S 323 
TRP C    C  N N 324 
TRP O    O  N N 325 
TRP CB   C  N N 326 
TRP CG   C  Y N 327 
TRP CD1  C  Y N 328 
TRP CD2  C  Y N 329 
TRP NE1  N  Y N 330 
TRP CE2  C  Y N 331 
TRP CE3  C  Y N 332 
TRP CZ2  C  Y N 333 
TRP CZ3  C  Y N 334 
TRP CH2  C  Y N 335 
TRP OXT  O  N N 336 
TRP H    H  N N 337 
TRP H2   H  N N 338 
TRP HA   H  N N 339 
TRP HB2  H  N N 340 
TRP HB3  H  N N 341 
TRP HD1  H  N N 342 
TRP HE1  H  N N 343 
TRP HE3  H  N N 344 
TRP HZ2  H  N N 345 
TRP HZ3  H  N N 346 
TRP HH2  H  N N 347 
TRP HXT  H  N N 348 
TYR N    N  N N 349 
TYR CA   C  N S 350 
TYR C    C  N N 351 
TYR O    O  N N 352 
TYR CB   C  N N 353 
TYR CG   C  Y N 354 
TYR CD1  C  Y N 355 
TYR CD2  C  Y N 356 
TYR CE1  C  Y N 357 
TYR CE2  C  Y N 358 
TYR CZ   C  Y N 359 
TYR OH   O  N N 360 
TYR OXT  O  N N 361 
TYR H    H  N N 362 
TYR H2   H  N N 363 
TYR HA   H  N N 364 
TYR HB2  H  N N 365 
TYR HB3  H  N N 366 
TYR HD1  H  N N 367 
TYR HD2  H  N N 368 
TYR HE1  H  N N 369 
TYR HE2  H  N N 370 
TYR HH   H  N N 371 
TYR HXT  H  N N 372 
VAL N    N  N N 373 
VAL CA   C  N S 374 
VAL C    C  N N 375 
VAL O    O  N N 376 
VAL CB   C  N N 377 
VAL CG1  C  N N 378 
VAL CG2  C  N N 379 
VAL OXT  O  N N 380 
VAL H    H  N N 381 
VAL H2   H  N N 382 
VAL HA   H  N N 383 
VAL HB   H  N N 384 
VAL HG11 H  N N 385 
VAL HG12 H  N N 386 
VAL HG13 H  N N 387 
VAL HG21 H  N N 388 
VAL HG22 H  N N 389 
VAL HG23 H  N N 390 
VAL HXT  H  N N 391 
# 
loop_
_chem_comp_bond.comp_id 
_chem_comp_bond.atom_id_1 
_chem_comp_bond.atom_id_2 
_chem_comp_bond.value_order 
_chem_comp_bond.pdbx_aromatic_flag 
_chem_comp_bond.pdbx_stereo_config 
_chem_comp_bond.pdbx_ordinal 
ALA N   CA   sing N N 1   
ALA N   H    sing N N 2   
ALA N   H2   sing N N 3   
ALA CA  C    sing N N 4   
ALA CA  CB   sing N N 5   
ALA CA  HA   sing N N 6   
ALA C   O    doub N N 7   
ALA C   OXT  sing N N 8   
ALA CB  HB1  sing N N 9   
ALA CB  HB2  sing N N 10  
ALA CB  HB3  sing N N 11  
ALA OXT HXT  sing N N 12  
ARG N   CA   sing N N 13  
ARG N   H    sing N N 14  
ARG N   H2   sing N N 15  
ARG CA  C    sing N N 16  
ARG CA  CB   sing N N 17  
ARG CA  HA   sing N N 18  
ARG C   O    doub N N 19  
ARG C   OXT  sing N N 20  
ARG CB  CG   sing N N 21  
ARG CB  HB2  sing N N 22  
ARG CB  HB3  sing N N 23  
ARG CG  CD   sing N N 24  
ARG CG  HG2  sing N N 25  
ARG CG  HG3  sing N N 26  
ARG CD  NE   sing N N 27  
ARG CD  HD2  sing N N 28  
ARG CD  HD3  sing N N 29  
ARG NE  CZ   sing N N 30  
ARG NE  HE   sing N N 31  
ARG CZ  NH1  sing N N 32  
ARG CZ  NH2  doub N N 33  
ARG NH1 HH11 sing N N 34  
ARG NH1 HH12 sing N N 35  
ARG NH2 HH21 sing N N 36  
ARG NH2 HH22 sing N N 37  
ARG OXT HXT  sing N N 38  
ASN N   CA   sing N N 39  
ASN N   H    sing N N 40  
ASN N   H2   sing N N 41  
ASN CA  C    sing N N 42  
ASN CA  CB   sing N N 43  
ASN CA  HA   sing N N 44  
ASN C   O    doub N N 45  
ASN C   OXT  sing N N 46  
ASN CB  CG   sing N N 47  
ASN CB  HB2  sing N N 48  
ASN CB  HB3  sing N N 49  
ASN CG  OD1  doub N N 50  
ASN CG  ND2  sing N N 51  
ASN ND2 HD21 sing N N 52  
ASN ND2 HD22 sing N N 53  
ASN OXT HXT  sing N N 54  
ASP N   CA   sing N N 55  
ASP N   H    sing N N 56  
ASP N   H2   sing N N 57  
ASP CA  C    sing N N 58  
ASP CA  CB   sing N N 59  
ASP CA  HA   sing N N 60  
ASP C   O    doub N N 61  
ASP C   OXT  sing N N 62  
ASP CB  CG   sing N N 63  
ASP CB  HB2  sing N N 64  
ASP CB  HB3  sing N N 65  
ASP CG  OD1  doub N N 66  
ASP CG  OD2  sing N N 67  
ASP OD2 HD2  sing N N 68  
ASP OXT HXT  sing N N 69  
CYS N   CA   sing N N 70  
CYS N   H    sing N N 71  
CYS N   H2   sing N N 72  
CYS CA  C    sing N N 73  
CYS CA  CB   sing N N 74  
CYS CA  HA   sing N N 75  
CYS C   O    doub N N 76  
CYS C   OXT  sing N N 77  
CYS CB  SG   sing N N 78  
CYS CB  HB2  sing N N 79  
CYS CB  HB3  sing N N 80  
CYS SG  HG   sing N N 81  
CYS OXT HXT  sing N N 82  
GLN N   CA   sing N N 83  
GLN N   H    sing N N 84  
GLN N   H2   sing N N 85  
GLN CA  C    sing N N 86  
GLN CA  CB   sing N N 87  
GLN CA  HA   sing N N 88  
GLN C   O    doub N N 89  
GLN C   OXT  sing N N 90  
GLN CB  CG   sing N N 91  
GLN CB  HB2  sing N N 92  
GLN CB  HB3  sing N N 93  
GLN CG  CD   sing N N 94  
GLN CG  HG2  sing N N 95  
GLN CG  HG3  sing N N 96  
GLN CD  OE1  doub N N 97  
GLN CD  NE2  sing N N 98  
GLN NE2 HE21 sing N N 99  
GLN NE2 HE22 sing N N 100 
GLN OXT HXT  sing N N 101 
GLU N   CA   sing N N 102 
GLU N   H    sing N N 103 
GLU N   H2   sing N N 104 
GLU CA  C    sing N N 105 
GLU CA  CB   sing N N 106 
GLU CA  HA   sing N N 107 
GLU C   O    doub N N 108 
GLU C   OXT  sing N N 109 
GLU CB  CG   sing N N 110 
GLU CB  HB2  sing N N 111 
GLU CB  HB3  sing N N 112 
GLU CG  CD   sing N N 113 
GLU CG  HG2  sing N N 114 
GLU CG  HG3  sing N N 115 
GLU CD  OE1  doub N N 116 
GLU CD  OE2  sing N N 117 
GLU OE2 HE2  sing N N 118 
GLU OXT HXT  sing N N 119 
GLY N   CA   sing N N 120 
GLY N   H    sing N N 121 
GLY N   H2   sing N N 122 
GLY CA  C    sing N N 123 
GLY CA  HA2  sing N N 124 
GLY CA  HA3  sing N N 125 
GLY C   O    doub N N 126 
GLY C   OXT  sing N N 127 
GLY OXT HXT  sing N N 128 
HIS N   CA   sing N N 129 
HIS N   H    sing N N 130 
HIS N   H2   sing N N 131 
HIS CA  C    sing N N 132 
HIS CA  CB   sing N N 133 
HIS CA  HA   sing N N 134 
HIS C   O    doub N N 135 
HIS C   OXT  sing N N 136 
HIS CB  CG   sing N N 137 
HIS CB  HB2  sing N N 138 
HIS CB  HB3  sing N N 139 
HIS CG  ND1  sing Y N 140 
HIS CG  CD2  doub Y N 141 
HIS ND1 CE1  doub Y N 142 
HIS ND1 HD1  sing N N 143 
HIS CD2 NE2  sing Y N 144 
HIS CD2 HD2  sing N N 145 
HIS CE1 NE2  sing Y N 146 
HIS CE1 HE1  sing N N 147 
HIS NE2 HE2  sing N N 148 
HIS OXT HXT  sing N N 149 
HOH O   H1   sing N N 150 
HOH O   H2   sing N N 151 
ILE N   CA   sing N N 152 
ILE N   H    sing N N 153 
ILE N   H2   sing N N 154 
ILE CA  C    sing N N 155 
ILE CA  CB   sing N N 156 
ILE CA  HA   sing N N 157 
ILE C   O    doub N N 158 
ILE C   OXT  sing N N 159 
ILE CB  CG1  sing N N 160 
ILE CB  CG2  sing N N 161 
ILE CB  HB   sing N N 162 
ILE CG1 CD1  sing N N 163 
ILE CG1 HG12 sing N N 164 
ILE CG1 HG13 sing N N 165 
ILE CG2 HG21 sing N N 166 
ILE CG2 HG22 sing N N 167 
ILE CG2 HG23 sing N N 168 
ILE CD1 HD11 sing N N 169 
ILE CD1 HD12 sing N N 170 
ILE CD1 HD13 sing N N 171 
ILE OXT HXT  sing N N 172 
LEU N   CA   sing N N 173 
LEU N   H    sing N N 174 
LEU N   H2   sing N N 175 
LEU CA  C    sing N N 176 
LEU CA  CB   sing N N 177 
LEU CA  HA   sing N N 178 
LEU C   O    doub N N 179 
LEU C   OXT  sing N N 180 
LEU CB  CG   sing N N 181 
LEU CB  HB2  sing N N 182 
LEU CB  HB3  sing N N 183 
LEU CG  CD1  sing N N 184 
LEU CG  CD2  sing N N 185 
LEU CG  HG   sing N N 186 
LEU CD1 HD11 sing N N 187 
LEU CD1 HD12 sing N N 188 
LEU CD1 HD13 sing N N 189 
LEU CD2 HD21 sing N N 190 
LEU CD2 HD22 sing N N 191 
LEU CD2 HD23 sing N N 192 
LEU OXT HXT  sing N N 193 
LYS N   CA   sing N N 194 
LYS N   H    sing N N 195 
LYS N   H2   sing N N 196 
LYS CA  C    sing N N 197 
LYS CA  CB   sing N N 198 
LYS CA  HA   sing N N 199 
LYS C   O    doub N N 200 
LYS C   OXT  sing N N 201 
LYS CB  CG   sing N N 202 
LYS CB  HB2  sing N N 203 
LYS CB  HB3  sing N N 204 
LYS CG  CD   sing N N 205 
LYS CG  HG2  sing N N 206 
LYS CG  HG3  sing N N 207 
LYS CD  CE   sing N N 208 
LYS CD  HD2  sing N N 209 
LYS CD  HD3  sing N N 210 
LYS CE  NZ   sing N N 211 
LYS CE  HE2  sing N N 212 
LYS CE  HE3  sing N N 213 
LYS NZ  HZ1  sing N N 214 
LYS NZ  HZ2  sing N N 215 
LYS NZ  HZ3  sing N N 216 
LYS OXT HXT  sing N N 217 
MET N   CA   sing N N 218 
MET N   H    sing N N 219 
MET N   H2   sing N N 220 
MET CA  C    sing N N 221 
MET CA  CB   sing N N 222 
MET CA  HA   sing N N 223 
MET C   O    doub N N 224 
MET C   OXT  sing N N 225 
MET CB  CG   sing N N 226 
MET CB  HB2  sing N N 227 
MET CB  HB3  sing N N 228 
MET CG  SD   sing N N 229 
MET CG  HG2  sing N N 230 
MET CG  HG3  sing N N 231 
MET SD  CE   sing N N 232 
MET CE  HE1  sing N N 233 
MET CE  HE2  sing N N 234 
MET CE  HE3  sing N N 235 
MET OXT HXT  sing N N 236 
PHE N   CA   sing N N 237 
PHE N   H    sing N N 238 
PHE N   H2   sing N N 239 
PHE CA  C    sing N N 240 
PHE CA  CB   sing N N 241 
PHE CA  HA   sing N N 242 
PHE C   O    doub N N 243 
PHE C   OXT  sing N N 244 
PHE CB  CG   sing N N 245 
PHE CB  HB2  sing N N 246 
PHE CB  HB3  sing N N 247 
PHE CG  CD1  doub Y N 248 
PHE CG  CD2  sing Y N 249 
PHE CD1 CE1  sing Y N 250 
PHE CD1 HD1  sing N N 251 
PHE CD2 CE2  doub Y N 252 
PHE CD2 HD2  sing N N 253 
PHE CE1 CZ   doub Y N 254 
PHE CE1 HE1  sing N N 255 
PHE CE2 CZ   sing Y N 256 
PHE CE2 HE2  sing N N 257 
PHE CZ  HZ   sing N N 258 
PHE OXT HXT  sing N N 259 
PRO N   CA   sing N N 260 
PRO N   CD   sing N N 261 
PRO N   H    sing N N 262 
PRO CA  C    sing N N 263 
PRO CA  CB   sing N N 264 
PRO CA  HA   sing N N 265 
PRO C   O    doub N N 266 
PRO C   OXT  sing N N 267 
PRO CB  CG   sing N N 268 
PRO CB  HB2  sing N N 269 
PRO CB  HB3  sing N N 270 
PRO CG  CD   sing N N 271 
PRO CG  HG2  sing N N 272 
PRO CG  HG3  sing N N 273 
PRO CD  HD2  sing N N 274 
PRO CD  HD3  sing N N 275 
PRO OXT HXT  sing N N 276 
SER N   CA   sing N N 277 
SER N   H    sing N N 278 
SER N   H2   sing N N 279 
SER CA  C    sing N N 280 
SER CA  CB   sing N N 281 
SER CA  HA   sing N N 282 
SER C   O    doub N N 283 
SER C   OXT  sing N N 284 
SER CB  OG   sing N N 285 
SER CB  HB2  sing N N 286 
SER CB  HB3  sing N N 287 
SER OG  HG   sing N N 288 
SER OXT HXT  sing N N 289 
THR N   CA   sing N N 290 
THR N   H    sing N N 291 
THR N   H2   sing N N 292 
THR CA  C    sing N N 293 
THR CA  CB   sing N N 294 
THR CA  HA   sing N N 295 
THR C   O    doub N N 296 
THR C   OXT  sing N N 297 
THR CB  OG1  sing N N 298 
THR CB  CG2  sing N N 299 
THR CB  HB   sing N N 300 
THR OG1 HG1  sing N N 301 
THR CG2 HG21 sing N N 302 
THR CG2 HG22 sing N N 303 
THR CG2 HG23 sing N N 304 
THR OXT HXT  sing N N 305 
TRP N   CA   sing N N 306 
TRP N   H    sing N N 307 
TRP N   H2   sing N N 308 
TRP CA  C    sing N N 309 
TRP CA  CB   sing N N 310 
TRP CA  HA   sing N N 311 
TRP C   O    doub N N 312 
TRP C   OXT  sing N N 313 
TRP CB  CG   sing N N 314 
TRP CB  HB2  sing N N 315 
TRP CB  HB3  sing N N 316 
TRP CG  CD1  doub Y N 317 
TRP CG  CD2  sing Y N 318 
TRP CD1 NE1  sing Y N 319 
TRP CD1 HD1  sing N N 320 
TRP CD2 CE2  doub Y N 321 
TRP CD2 CE3  sing Y N 322 
TRP NE1 CE2  sing Y N 323 
TRP NE1 HE1  sing N N 324 
TRP CE2 CZ2  sing Y N 325 
TRP CE3 CZ3  doub Y N 326 
TRP CE3 HE3  sing N N 327 
TRP CZ2 CH2  doub Y N 328 
TRP CZ2 HZ2  sing N N 329 
TRP CZ3 CH2  sing Y N 330 
TRP CZ3 HZ3  sing N N 331 
TRP CH2 HH2  sing N N 332 
TRP OXT HXT  sing N N 333 
TYR N   CA   sing N N 334 
TYR N   H    sing N N 335 
TYR N   H2   sing N N 336 
TYR CA  C    sing N N 337 
TYR CA  CB   sing N N 338 
TYR CA  HA   sing N N 339 
TYR C   O    doub N N 340 
TYR C   OXT  sing N N 341 
TYR CB  CG   sing N N 342 
TYR CB  HB2  sing N N 343 
TYR CB  HB3  sing N N 344 
TYR CG  CD1  doub Y N 345 
TYR CG  CD2  sing Y N 346 
TYR CD1 CE1  sing Y N 347 
TYR CD1 HD1  sing N N 348 
TYR CD2 CE2  doub Y N 349 
TYR CD2 HD2  sing N N 350 
TYR CE1 CZ   doub Y N 351 
TYR CE1 HE1  sing N N 352 
TYR CE2 CZ   sing Y N 353 
TYR CE2 HE2  sing N N 354 
TYR CZ  OH   sing N N 355 
TYR OH  HH   sing N N 356 
TYR OXT HXT  sing N N 357 
VAL N   CA   sing N N 358 
VAL N   H    sing N N 359 
VAL N   H2   sing N N 360 
VAL CA  C    sing N N 361 
VAL CA  CB   sing N N 362 
VAL CA  HA   sing N N 363 
VAL C   O    doub N N 364 
VAL C   OXT  sing N N 365 
VAL CB  CG1  sing N N 366 
VAL CB  CG2  sing N N 367 
VAL CB  HB   sing N N 368 
VAL CG1 HG11 sing N N 369 
VAL CG1 HG12 sing N N 370 
VAL CG1 HG13 sing N N 371 
VAL CG2 HG21 sing N N 372 
VAL CG2 HG22 sing N N 373 
VAL CG2 HG23 sing N N 374 
VAL OXT HXT  sing N N 375 
# 
_pdbx_initial_refinement_model.accession_code   1IUZ 
_pdbx_initial_refinement_model.id               1 
_pdbx_initial_refinement_model.entity_id_list   ? 
_pdbx_initial_refinement_model.type             'experimental model' 
_pdbx_initial_refinement_model.source_name      PDB 
_pdbx_initial_refinement_model.details          'OXIDIZED FORM' 
# 
_atom_sites.entry_id                    1BXV 
_atom_sites.fract_transf_matrix[1][1]   -0.01129988 
_atom_sites.fract_transf_matrix[1][2]   0.00700822 
_atom_sites.fract_transf_matrix[1][3]   0.01903957 
_atom_sites.fract_transf_matrix[2][1]   0.01994282 
_atom_sites.fract_transf_matrix[2][2]   -0.00016866 
_atom_sites.fract_transf_matrix[2][3]   0.01189803 
_atom_sites.fract_transf_matrix[3][1]   0.00281507 
_atom_sites.fract_transf_matrix[3][2]   0.01671414 
_atom_sites.fract_transf_matrix[3][3]   -0.00448153 
_atom_sites.fract_transf_vector[1]      0.163042 
_atom_sites.fract_transf_vector[2]      1.377791 
_atom_sites.fract_transf_vector[3]      -0.300524 
# 
loop_
_atom_type.symbol 
C  
CU 
N  
O  
S  
# 
loop_
_atom_site.group_PDB 
_atom_site.id 
_atom_site.type_symbol 
_atom_site.label_atom_id 
_atom_site.label_alt_id 
_atom_site.label_comp_id 
_atom_site.label_asym_id 
_atom_site.label_entity_id 
_atom_site.label_seq_id 
_atom_site.pdbx_PDB_ins_code 
_atom_site.Cartn_x 
_atom_site.Cartn_y 
_atom_site.Cartn_z 
_atom_site.occupancy 
_atom_site.B_iso_or_equiv 
_atom_site.pdbx_formal_charge 
_atom_site.auth_seq_id 
_atom_site.auth_comp_id 
_atom_site.auth_asym_id 
_atom_site.auth_atom_id 
_atom_site.pdbx_PDB_model_num 
ATOM   1   N  N   . GLN A 1 1  ? -6.404  -14.603 -4.355  1.00 30.53 ? -2  GLN A N   1 
ATOM   2   C  CA  . GLN A 1 1  ? -6.582  -13.575 -5.434  1.00 33.29 ? -2  GLN A CA  1 
ATOM   3   C  C   . GLN A 1 1  ? -5.630  -12.394 -5.248  1.00 30.45 ? -2  GLN A C   1 
ATOM   4   O  O   . GLN A 1 1  ? -4.993  -12.293 -4.191  1.00 27.82 ? -2  GLN A O   1 
ATOM   5   C  CB  . GLN A 1 1  ? -8.026  -13.135 -5.461  1.00 36.94 ? -2  GLN A CB  1 
ATOM   6   C  CG  . GLN A 1 1  ? -8.445  -12.071 -4.461  1.00 42.92 ? -2  GLN A CG  1 
ATOM   7   C  CD  . GLN A 1 1  ? -9.538  -11.187 -5.063  1.00 46.12 ? -2  GLN A CD  1 
ATOM   8   O  OE1 . GLN A 1 1  ? -10.529 -10.851 -4.417  1.00 47.09 ? -2  GLN A OE1 1 
ATOM   9   N  NE2 . GLN A 1 1  ? -9.332  -10.820 -6.334  1.00 47.72 ? -2  GLN A NE2 1 
ATOM   10  N  N   . THR A 1 2  ? -5.543  -11.522 -6.253  1.00 28.00 ? -1  THR A N   1 
ATOM   11  C  CA  . THR A 1 2  ? -4.650  -10.348 -6.131  1.00 27.49 ? -1  THR A CA  1 
ATOM   12  C  C   . THR A 1 2  ? -5.516  -9.093  -6.194  1.00 27.34 ? -1  THR A C   1 
ATOM   13  O  O   . THR A 1 2  ? -6.365  -9.019  -7.096  1.00 26.47 ? -1  THR A O   1 
ATOM   14  C  CB  . THR A 1 2  ? -3.595  -10.322 -7.230  1.00 28.74 ? -1  THR A CB  1 
ATOM   15  O  OG1 . THR A 1 2  ? -2.744  -11.481 -7.128  1.00 29.91 ? -1  THR A OG1 1 
ATOM   16  C  CG2 . THR A 1 2  ? -2.681  -9.104  -7.157  1.00 29.07 ? -1  THR A CG2 1 
ATOM   17  N  N   . VAL A 1 3  ? -5.348  -8.146  -5.277  1.00 24.40 ? 1   VAL A N   1 
ATOM   18  C  CA  . VAL A 1 3  ? -6.162  -6.916  -5.289  1.00 23.30 ? 1   VAL A CA  1 
ATOM   19  C  C   . VAL A 1 3  ? -5.217  -5.737  -5.542  1.00 20.41 ? 1   VAL A C   1 
ATOM   20  O  O   . VAL A 1 3  ? -4.091  -5.817  -5.067  1.00 21.33 ? 1   VAL A O   1 
ATOM   21  C  CB  . VAL A 1 3  ? -6.860  -6.653  -3.942  1.00 26.08 ? 1   VAL A CB  1 
ATOM   22  C  CG1 . VAL A 1 3  ? -7.947  -7.700  -3.695  1.00 29.28 ? 1   VAL A CG1 1 
ATOM   23  C  CG2 . VAL A 1 3  ? -5.855  -6.652  -2.793  1.00 26.87 ? 1   VAL A CG2 1 
ATOM   24  N  N   . ALA A 1 4  ? -5.621  -4.682  -6.233  1.00 18.63 ? 2   ALA A N   1 
ATOM   25  C  CA  . ALA A 1 4  ? -4.672  -3.601  -6.485  1.00 18.76 ? 2   ALA A CA  1 
ATOM   26  C  C   . ALA A 1 4  ? -5.013  -2.374  -5.623  1.00 16.68 ? 2   ALA A C   1 
ATOM   27  O  O   . ALA A 1 4  ? -6.203  -2.115  -5.393  1.00 18.92 ? 2   ALA A O   1 
ATOM   28  C  CB  . ALA A 1 4  ? -4.742  -3.162  -7.957  1.00 19.69 ? 2   ALA A CB  1 
ATOM   29  N  N   . ILE A 1 5  ? -4.018  -1.650  -5.214  1.00 15.07 ? 3   ILE A N   1 
ATOM   30  C  CA  . ILE A 1 5  ? -4.175  -0.419  -4.425  1.00 16.31 ? 3   ILE A CA  1 
ATOM   31  C  C   . ILE A 1 5  ? -3.367  0.648   -5.168  1.00 15.47 ? 3   ILE A C   1 
ATOM   32  O  O   . ILE A 1 5  ? -2.166  0.457   -5.410  1.00 17.40 ? 3   ILE A O   1 
ATOM   33  C  CB  . ILE A 1 5  ? -3.645  -0.588  -2.993  1.00 17.00 ? 3   ILE A CB  1 
ATOM   34  C  CG1 . ILE A 1 5  ? -4.494  -1.642  -2.230  1.00 17.74 ? 3   ILE A CG1 1 
ATOM   35  C  CG2 . ILE A 1 5  ? -3.696  0.730   -2.200  1.00 14.58 ? 3   ILE A CG2 1 
ATOM   36  C  CD1 . ILE A 1 5  ? -3.915  -1.918  -0.823  1.00 19.99 ? 3   ILE A CD1 1 
ATOM   37  N  N   . LYS A 1 6  ? -3.996  1.771   -5.487  1.00 15.30 ? 4   LYS A N   1 
ATOM   38  C  CA  . LYS A 1 6  ? -3.270  2.844   -6.160  1.00 15.83 ? 4   LYS A CA  1 
ATOM   39  C  C   . LYS A 1 6  ? -2.512  3.711   -5.160  1.00 15.39 ? 4   LYS A C   1 
ATOM   40  O  O   . LYS A 1 6  ? -3.076  4.022   -4.097  1.00 13.67 ? 4   LYS A O   1 
ATOM   41  C  CB  . LYS A 1 6  ? -4.268  3.794   -6.871  1.00 16.29 ? 4   LYS A CB  1 
ATOM   42  C  CG  . LYS A 1 6  ? -4.812  3.200   -8.157  1.00 21.24 ? 4   LYS A CG  1 
ATOM   43  C  CD  . LYS A 1 6  ? -5.940  4.061   -8.737  1.00 25.38 ? 4   LYS A CD  1 
ATOM   44  C  CE  . LYS A 1 6  ? -6.659  3.255   -9.835  1.00 30.72 ? 4   LYS A CE  1 
ATOM   45  N  NZ  . LYS A 1 6  ? -7.081  4.137   -10.967 1.00 34.71 ? 4   LYS A NZ  1 
ATOM   46  N  N   . MET A 1 7  ? -1.316  4.102   -5.517  1.00 13.18 ? 5   MET A N   1 
ATOM   47  C  CA  . MET A 1 7  ? -0.493  4.984   -4.663  1.00 14.15 ? 5   MET A CA  1 
ATOM   48  C  C   . MET A 1 7  ? -0.628  6.374   -5.314  1.00 15.01 ? 5   MET A C   1 
ATOM   49  O  O   . MET A 1 7  ? -0.114  6.606   -6.420  1.00 14.38 ? 5   MET A O   1 
ATOM   50  C  CB  . MET A 1 7  ? 0.955   4.487   -4.633  1.00 15.53 ? 5   MET A CB  1 
ATOM   51  C  CG  . MET A 1 7  ? 1.069   3.026   -4.139  1.00 15.73 ? 5   MET A CG  1 
ATOM   52  S  SD  . MET A 1 7  ? 2.782   2.677   -3.631  1.00 17.43 ? 5   MET A SD  1 
ATOM   53  C  CE  . MET A 1 7  ? 3.524   2.398   -5.218  1.00 17.60 ? 5   MET A CE  1 
ATOM   54  N  N   . GLY A 1 8  ? -1.393  7.233   -4.649  1.00 14.85 ? 6   GLY A N   1 
ATOM   55  C  CA  . GLY A 1 8  ? -1.723  8.575   -5.187  1.00 17.06 ? 6   GLY A CA  1 
ATOM   56  C  C   . GLY A 1 8  ? -3.148  8.382   -5.758  1.00 19.55 ? 6   GLY A C   1 
ATOM   57  O  O   . GLY A 1 8  ? -3.399  7.477   -6.602  1.00 19.12 ? 6   GLY A O   1 
ATOM   58  N  N   . ALA A 1 9  ? -4.097  9.185   -5.275  1.00 17.17 ? 7   ALA A N   1 
ATOM   59  C  CA  . ALA A 1 9  ? -5.472  8.972   -5.703  1.00 18.89 ? 7   ALA A CA  1 
ATOM   60  C  C   . ALA A 1 9  ? -5.761  9.566   -7.070  1.00 19.85 ? 7   ALA A C   1 
ATOM   61  O  O   . ALA A 1 9  ? -5.078  10.472  -7.501  1.00 20.82 ? 7   ALA A O   1 
ATOM   62  C  CB  . ALA A 1 9  ? -6.446  9.557   -4.655  1.00 19.32 ? 7   ALA A CB  1 
ATOM   63  N  N   . ASP A 1 10 ? -6.801  9.055   -7.736  1.00 24.38 ? 8   ASP A N   1 
ATOM   64  C  CA  . ASP A 1 10 ? -7.128  9.632   -9.059  1.00 27.93 ? 8   ASP A CA  1 
ATOM   65  C  C   . ASP A 1 10 ? -7.498  11.097  -8.926  1.00 28.94 ? 8   ASP A C   1 
ATOM   66  O  O   . ASP A 1 10 ? -7.157  11.890  -9.807  1.00 31.29 ? 8   ASP A O   1 
ATOM   67  C  CB  . ASP A 1 10 ? -8.287  8.860   -9.683  1.00 30.60 ? 8   ASP A CB  1 
ATOM   68  C  CG  . ASP A 1 10 ? -7.798  7.525   -10.241 1.00 32.48 ? 8   ASP A CG  1 
ATOM   69  O  OD1 . ASP A 1 10 ? -6.609  7.435   -10.575 1.00 33.72 ? 8   ASP A OD1 1 
ATOM   70  O  OD2 . ASP A 1 10 ? -8.634  6.614   -10.316 1.00 36.70 ? 8   ASP A OD2 1 
ATOM   71  N  N   . ASN A 1 11 ? -8.126  11.524  -7.823  1.00 28.08 ? 9   ASN A N   1 
ATOM   72  C  CA  . ASN A 1 11 ? -8.430  12.954  -7.679  1.00 27.06 ? 9   ASN A CA  1 
ATOM   73  C  C   . ASN A 1 11 ? -7.245  13.814  -7.290  1.00 28.34 ? 9   ASN A C   1 
ATOM   74  O  O   . ASN A 1 11 ? -7.498  14.969  -6.865  1.00 29.08 ? 9   ASN A O   1 
ATOM   75  C  CB  . ASN A 1 11 ? -9.572  13.159  -6.668  1.00 27.70 ? 9   ASN A CB  1 
ATOM   76  C  CG  . ASN A 1 11 ? -9.162  12.838  -5.244  1.00 27.34 ? 9   ASN A CG  1 
ATOM   77  O  OD1 . ASN A 1 11 ? -7.980  12.525  -5.014  1.00 26.49 ? 9   ASN A OD1 1 
ATOM   78  N  ND2 . ASN A 1 11 ? -10.110 12.907  -4.312  1.00 26.66 ? 9   ASN A ND2 1 
ATOM   79  N  N   . GLY A 1 12 ? -5.992  13.346  -7.321  1.00 24.91 ? 10  GLY A N   1 
ATOM   80  C  CA  . GLY A 1 12 ? -4.876  14.169  -6.936  1.00 25.03 ? 10  GLY A CA  1 
ATOM   81  C  C   . GLY A 1 12 ? -4.460  14.192  -5.490  1.00 24.42 ? 10  GLY A C   1 
ATOM   82  O  O   . GLY A 1 12 ? -3.482  14.879  -5.116  1.00 26.74 ? 10  GLY A O   1 
ATOM   83  N  N   . MET A 1 13 ? -5.138  13.506  -4.592  1.00 20.44 ? 11  MET A N   1 
ATOM   84  C  CA  . MET A 1 13 ? -4.770  13.500  -3.187  1.00 18.99 ? 11  MET A CA  1 
ATOM   85  C  C   . MET A 1 13 ? -3.625  12.565  -2.880  1.00 17.93 ? 11  MET A C   1 
ATOM   86  O  O   . MET A 1 13 ? -3.475  11.535  -3.567  1.00 15.93 ? 11  MET A O   1 
ATOM   87  C  CB  . MET A 1 13 ? -6.010  13.050  -2.362  1.00 19.74 ? 11  MET A CB  1 
ATOM   88  C  CG  . MET A 1 13 ? -7.028  14.164  -2.185  1.00 20.90 ? 11  MET A CG  1 
ATOM   89  S  SD  . MET A 1 13 ? -8.490  13.575  -1.281  1.00 23.04 ? 11  MET A SD  1 
ATOM   90  C  CE  . MET A 1 13 ? -7.725  13.045  0.249   1.00 20.97 ? 11  MET A CE  1 
ATOM   91  N  N   . LEU A 1 14 ? -2.835  12.875  -1.846  1.00 15.86 ? 12  LEU A N   1 
ATOM   92  C  CA  . LEU A 1 14 ? -1.741  12.021  -1.396  1.00 15.99 ? 12  LEU A CA  1 
ATOM   93  C  C   . LEU A 1 14 ? -2.410  10.953  -0.519  1.00 17.50 ? 12  LEU A C   1 
ATOM   94  O  O   . LEU A 1 14 ? -2.645  11.169  0.699   1.00 19.05 ? 12  LEU A O   1 
ATOM   95  C  CB  . LEU A 1 14 ? -0.744  12.834  -0.538  1.00 17.43 ? 12  LEU A CB  1 
ATOM   96  C  CG  . LEU A 1 14 ? 0.152   13.779  -1.381  1.00 20.23 ? 12  LEU A CG  1 
ATOM   97  C  CD1 . LEU A 1 14 ? 0.967   14.681  -0.460  1.00 20.72 ? 12  LEU A CD1 1 
ATOM   98  C  CD2 . LEU A 1 14 ? 1.101   12.929  -2.241  1.00 19.88 ? 12  LEU A CD2 1 
ATOM   99  N  N   . ALA A 1 15 ? -2.801  9.837   -1.115  1.00 14.93 ? 13  ALA A N   1 
ATOM   100 C  CA  . ALA A 1 15 ? -3.509  8.819   -0.377  1.00 14.12 ? 13  ALA A CA  1 
ATOM   101 C  C   . ALA A 1 15 ? -3.398  7.484   -1.141  1.00 13.84 ? 13  ALA A C   1 
ATOM   102 O  O   . ALA A 1 15 ? -3.083  7.525   -2.335  1.00 15.44 ? 13  ALA A O   1 
ATOM   103 C  CB  . ALA A 1 15 ? -5.036  9.141   -0.393  1.00 13.76 ? 13  ALA A CB  1 
ATOM   104 N  N   . PHE A 1 16 ? -3.628  6.409   -0.423  1.00 12.59 ? 14  PHE A N   1 
ATOM   105 C  CA  . PHE A 1 16 ? -3.700  5.095   -1.115  1.00 13.48 ? 14  PHE A CA  1 
ATOM   106 C  C   . PHE A 1 16 ? -5.193  4.971   -1.467  1.00 14.91 ? 14  PHE A C   1 
ATOM   107 O  O   . PHE A 1 16 ? -6.034  5.468   -0.689  1.00 14.19 ? 14  PHE A O   1 
ATOM   108 C  CB  . PHE A 1 16 ? -3.280  3.978   -0.147  1.00 13.92 ? 14  PHE A CB  1 
ATOM   109 C  CG  . PHE A 1 16 ? -1.796  4.032   0.192   1.00 14.03 ? 14  PHE A CG  1 
ATOM   110 C  CD1 . PHE A 1 16 ? -0.868  3.598   -0.732  1.00 14.57 ? 14  PHE A CD1 1 
ATOM   111 C  CD2 . PHE A 1 16 ? -1.380  4.502   1.425   1.00 14.00 ? 14  PHE A CD2 1 
ATOM   112 C  CE1 . PHE A 1 16 ? 0.484   3.650   -0.428  1.00 14.20 ? 14  PHE A CE1 1 
ATOM   113 C  CE2 . PHE A 1 16 ? -0.029  4.548   1.743   1.00 15.70 ? 14  PHE A CE2 1 
ATOM   114 C  CZ  . PHE A 1 16 ? 0.907   4.120   0.795   1.00 14.22 ? 14  PHE A CZ  1 
ATOM   115 N  N   . GLU A 1 17 ? -5.532  4.334   -2.557  1.00 15.45 ? 15  GLU A N   1 
ATOM   116 C  CA  . GLU A 1 17 ? -6.954  4.208   -2.966  1.00 16.29 ? 15  GLU A CA  1 
ATOM   117 C  C   . GLU A 1 17 ? -7.186  2.799   -3.434  1.00 15.24 ? 15  GLU A C   1 
ATOM   118 O  O   . GLU A 1 17 ? -6.584  2.351   -4.427  1.00 16.23 ? 15  GLU A O   1 
ATOM   119 C  CB  . GLU A 1 17 ? -7.161  5.245   -4.109  1.00 18.52 ? 15  GLU A CB  1 
ATOM   120 C  CG  . GLU A 1 17 ? -8.567  5.204   -4.709  1.00 24.40 ? 15  GLU A CG  1 
ATOM   121 C  CD  . GLU A 1 17 ? -8.791  6.446   -5.589  1.00 26.91 ? 15  GLU A CD  1 
ATOM   122 O  OE1 . GLU A 1 17 ? -8.012  6.694   -6.539  1.00 27.54 ? 15  GLU A OE1 1 
ATOM   123 O  OE2 . GLU A 1 17 ? -9.727  7.195   -5.304  1.00 29.69 ? 15  GLU A OE2 1 
ATOM   124 N  N   . PRO A 1 18 ? -7.977  2.015   -2.722  1.00 15.92 ? 16  PRO A N   1 
ATOM   125 C  CA  . PRO A 1 18 ? -8.728  2.406   -1.574  1.00 14.46 ? 16  PRO A CA  1 
ATOM   126 C  C   . PRO A 1 18 ? -7.873  2.488   -0.306  1.00 15.28 ? 16  PRO A C   1 
ATOM   127 O  O   . PRO A 1 18 ? -6.890  1.750   -0.172  1.00 15.18 ? 16  PRO A O   1 
ATOM   128 C  CB  . PRO A 1 18 ? -9.755  1.281   -1.402  1.00 15.87 ? 16  PRO A CB  1 
ATOM   129 C  CG  . PRO A 1 18 ? -9.094  0.077   -2.011  1.00 17.90 ? 16  PRO A CG  1 
ATOM   130 C  CD  . PRO A 1 18 ? -8.215  0.574   -3.121  1.00 16.69 ? 16  PRO A CD  1 
ATOM   131 N  N   . SER A 1 19 ? -8.260  3.390   0.587   1.00 13.01 ? 17  SER A N   1 
ATOM   132 C  CA  . SER A 1 19 ? -7.507  3.614   1.805   1.00 15.28 ? 17  SER A CA  1 
ATOM   133 C  C   . SER A 1 19 ? -7.687  2.506   2.811   1.00 15.64 ? 17  SER A C   1 
ATOM   134 O  O   . SER A 1 19 ? -6.817  2.314   3.669   1.00 16.22 ? 17  SER A O   1 
ATOM   135 C  CB  . SER A 1 19 ? -7.836  5.005   2.399   1.00 16.81 ? 17  SER A CB  1 
ATOM   136 O  OG  . SER A 1 19 ? -9.212  4.983   2.768   1.00 18.61 ? 17  SER A OG  1 
ATOM   137 N  N   . THR A 1 20 ? -8.773  1.748   2.757   1.00 17.61 ? 18  THR A N   1 
ATOM   138 C  CA  . THR A 1 20 ? -8.982  0.596   3.608   1.00 15.74 ? 18  THR A CA  1 
ATOM   139 C  C   . THR A 1 20 ? -9.468  -0.523  2.651   1.00 18.86 ? 18  THR A C   1 
ATOM   140 O  O   . THR A 1 20 ? -10.311 -0.249  1.781   1.00 17.11 ? 18  THR A O   1 
ATOM   141 C  CB  . THR A 1 20 ? -10.056 0.742   4.700   1.00 19.37 ? 18  THR A CB  1 
ATOM   142 O  OG1 . THR A 1 20 ? -9.657  1.749   5.654   1.00 20.97 ? 18  THR A OG1 1 
ATOM   143 C  CG2 . THR A 1 20 ? -10.164 -0.582  5.473   1.00 18.11 ? 18  THR A CG2 1 
ATOM   144 N  N   . ILE A 1 21 ? -8.905  -1.700  2.790   1.00 17.42 ? 19  ILE A N   1 
ATOM   145 C  CA  . ILE A 1 21 ? -9.350  -2.812  1.940   1.00 18.14 ? 19  ILE A CA  1 
ATOM   146 C  C   . ILE A 1 21 ? -9.364  -4.062  2.810   1.00 18.15 ? 19  ILE A C   1 
ATOM   147 O  O   . ILE A 1 21 ? -8.642  -4.186  3.799   1.00 17.95 ? 19  ILE A O   1 
ATOM   148 C  CB  . ILE A 1 21 ? -8.521  -2.943  0.675   1.00 19.70 ? 19  ILE A CB  1 
ATOM   149 C  CG1 . ILE A 1 21 ? -9.175  -3.906  -0.327  1.00 22.76 ? 19  ILE A CG1 1 
ATOM   150 C  CG2 . ILE A 1 21 ? -7.074  -3.381  0.951   1.00 21.02 ? 19  ILE A CG2 1 
ATOM   151 C  CD1 . ILE A 1 21 ? -8.588  -3.787  -1.723  1.00 25.43 ? 19  ILE A CD1 1 
ATOM   152 N  N   . GLU A 1 22 ? -10.318 -4.953  2.533   1.00 16.91 ? 20  GLU A N   1 
ATOM   153 C  CA  . GLU A 1 22 ? -10.380 -6.200  3.318   1.00 17.23 ? 20  GLU A CA  1 
ATOM   154 C  C   . GLU A 1 22 ? -10.091 -7.342  2.354   1.00 16.22 ? 20  GLU A C   1 
ATOM   155 O  O   . GLU A 1 22 ? -10.551 -7.321  1.201   1.00 17.74 ? 20  GLU A O   1 
ATOM   156 C  CB  . GLU A 1 22 ? -11.708 -6.368  4.014   1.00 19.65 ? 20  GLU A CB  1 
ATOM   157 C  CG  . GLU A 1 22 ? -12.217 -5.097  4.687   1.00 25.64 ? 20  GLU A CG  1 
ATOM   158 C  CD  . GLU A 1 22 ? -12.943 -5.402  5.996   1.00 28.50 ? 20  GLU A CD  1 
ATOM   159 O  OE1 . GLU A 1 22 ? -13.117 -6.579  6.333   1.00 28.35 ? 20  GLU A OE1 1 
ATOM   160 O  OE2 . GLU A 1 22 ? -13.319 -4.412  6.656   1.00 33.21 ? 20  GLU A OE2 1 
ATOM   161 N  N   . ILE A 1 23 ? -9.265  -8.296  2.767   1.00 14.78 ? 21  ILE A N   1 
ATOM   162 C  CA  . ILE A 1 23 ? -8.935  -9.398  1.859   1.00 16.67 ? 21  ILE A CA  1 
ATOM   163 C  C   . ILE A 1 23 ? -9.024  -10.700 2.673   1.00 18.05 ? 21  ILE A C   1 
ATOM   164 O  O   . ILE A 1 23 ? -9.290  -10.643 3.887   1.00 20.47 ? 21  ILE A O   1 
ATOM   165 C  CB  . ILE A 1 23 ? -7.507  -9.270  1.285   1.00 17.62 ? 21  ILE A CB  1 
ATOM   166 C  CG1 . ILE A 1 23 ? -6.505  -9.218  2.460   1.00 16.94 ? 21  ILE A CG1 1 
ATOM   167 C  CG2 . ILE A 1 23 ? -7.315  -8.038  0.379   1.00 18.30 ? 21  ILE A CG2 1 
ATOM   168 C  CD1 . ILE A 1 23 ? -5.033  -9.278  2.005   1.00 17.44 ? 21  ILE A CD1 1 
ATOM   169 N  N   . GLN A 1 24 ? -8.742  -11.819 2.042   1.00 19.86 ? 22  GLN A N   1 
ATOM   170 C  CA  . GLN A 1 24 ? -8.728  -13.088 2.768   1.00 24.30 ? 22  GLN A CA  1 
ATOM   171 C  C   . GLN A 1 24 ? -7.290  -13.533 3.046   1.00 23.27 ? 22  GLN A C   1 
ATOM   172 O  O   . GLN A 1 24 ? -6.375  -13.260 2.260   1.00 23.13 ? 22  GLN A O   1 
ATOM   173 C  CB  . GLN A 1 24 ? -9.413  -14.196 1.947   1.00 26.14 ? 22  GLN A CB  1 
ATOM   174 C  CG  . GLN A 1 24 ? -10.793 -13.793 1.424   1.00 32.39 ? 22  GLN A CG  1 
ATOM   175 C  CD  . GLN A 1 24 ? -11.806 -13.753 2.554   1.00 35.99 ? 22  GLN A CD  1 
ATOM   176 O  OE1 . GLN A 1 24 ? -11.809 -14.635 3.427   1.00 38.34 ? 22  GLN A OE1 1 
ATOM   177 N  NE2 . GLN A 1 24 ? -12.652 -12.724 2.570   1.00 37.09 ? 22  GLN A NE2 1 
ATOM   178 N  N   . ALA A 1 25 ? -7.054  -14.238 4.149   1.00 22.48 ? 23  ALA A N   1 
ATOM   179 C  CA  . ALA A 1 25 ? -5.671  -14.730 4.387   1.00 24.19 ? 23  ALA A CA  1 
ATOM   180 C  C   . ALA A 1 25 ? -5.150  -15.476 3.160   1.00 23.38 ? 23  ALA A C   1 
ATOM   181 O  O   . ALA A 1 25 ? -5.883  -16.305 2.611   1.00 24.84 ? 23  ALA A O   1 
ATOM   182 C  CB  . ALA A 1 25 ? -5.713  -15.675 5.587   1.00 26.15 ? 23  ALA A CB  1 
ATOM   183 N  N   . GLY A 1 26 ? -3.926  -15.218 2.705   1.00 20.10 ? 24  GLY A N   1 
ATOM   184 C  CA  . GLY A 1 26 ? -3.384  -15.892 1.529   1.00 22.47 ? 24  GLY A CA  1 
ATOM   185 C  C   . GLY A 1 26 ? -3.475  -15.070 0.262   1.00 20.63 ? 24  GLY A C   1 
ATOM   186 O  O   . GLY A 1 26 ? -2.875  -15.392 -0.767  1.00 20.50 ? 24  GLY A O   1 
ATOM   187 N  N   . ASP A 1 27 ? -4.250  -13.969 0.299   1.00 20.32 ? 25  ASP A N   1 
ATOM   188 C  CA  . ASP A 1 27 ? -4.402  -13.104 -0.856  1.00 19.60 ? 25  ASP A CA  1 
ATOM   189 C  C   . ASP A 1 27 ? -3.164  -12.205 -0.993  1.00 19.66 ? 25  ASP A C   1 
ATOM   190 O  O   . ASP A 1 27 ? -2.458  -11.943 -0.025  1.00 17.61 ? 25  ASP A O   1 
ATOM   191 C  CB  . ASP A 1 27 ? -5.627  -12.189 -0.697  1.00 20.01 ? 25  ASP A CB  1 
ATOM   192 C  CG  . ASP A 1 27 ? -6.947  -12.861 -0.947  1.00 21.91 ? 25  ASP A CG  1 
ATOM   193 O  OD1 . ASP A 1 27 ? -6.948  -13.988 -1.495  1.00 21.81 ? 25  ASP A OD1 1 
ATOM   194 O  OD2 . ASP A 1 27 ? -7.993  -12.247 -0.598  1.00 20.73 ? 25  ASP A OD2 1 
ATOM   195 N  N   . THR A 1 28 ? -2.951  -11.713 -2.204  1.00 19.19 ? 26  THR A N   1 
ATOM   196 C  CA  . THR A 1 28 ? -1.818  -10.851 -2.511  1.00 18.28 ? 26  THR A CA  1 
ATOM   197 C  C   . THR A 1 28 ? -2.316  -9.433  -2.781  1.00 19.68 ? 26  THR A C   1 
ATOM   198 O  O   . THR A 1 28 ? -3.345  -9.246  -3.450  1.00 19.54 ? 26  THR A O   1 
ATOM   199 C  CB  . THR A 1 28 ? -1.082  -11.378 -3.761  1.00 20.78 ? 26  THR A CB  1 
ATOM   200 O  OG1 . THR A 1 28 ? -0.426  -12.622 -3.392  1.00 21.37 ? 26  THR A OG1 1 
ATOM   201 C  CG2 . THR A 1 28 ? 0.031   -10.428 -4.214  1.00 20.20 ? 26  THR A CG2 1 
ATOM   202 N  N   . VAL A 1 29 ? -1.592  -8.479  -2.218  1.00 16.02 ? 27  VAL A N   1 
ATOM   203 C  CA  . VAL A 1 29 ? -1.889  -7.083  -2.453  1.00 15.23 ? 27  VAL A CA  1 
ATOM   204 C  C   . VAL A 1 29 ? -0.851  -6.529  -3.420  1.00 15.94 ? 27  VAL A C   1 
ATOM   205 O  O   . VAL A 1 29 ? 0.353   -6.719  -3.201  1.00 16.39 ? 27  VAL A O   1 
ATOM   206 C  CB  . VAL A 1 29 ? -1.855  -6.241  -1.150  1.00 15.94 ? 27  VAL A CB  1 
ATOM   207 C  CG1 . VAL A 1 29 ? -2.110  -4.775  -1.458  1.00 18.06 ? 27  VAL A CG1 1 
ATOM   208 C  CG2 . VAL A 1 29 ? -2.934  -6.808  -0.210  1.00 17.46 ? 27  VAL A CG2 1 
ATOM   209 N  N   . GLN A 1 30 ? -1.288  -5.851  -4.460  1.00 15.95 ? 28  GLN A N   1 
ATOM   210 C  CA  . GLN A 1 30 ? -0.384  -5.226  -5.411  1.00 16.16 ? 28  GLN A CA  1 
ATOM   211 C  C   . GLN A 1 30 ? -0.560  -3.690  -5.322  1.00 16.89 ? 28  GLN A C   1 
ATOM   212 O  O   . GLN A 1 30 ? -1.637  -3.194  -5.586  1.00 19.68 ? 28  GLN A O   1 
ATOM   213 C  CB  . GLN A 1 30 ? -0.749  -5.673  -6.846  1.00 19.68 ? 28  GLN A CB  1 
ATOM   214 C  CG  . GLN A 1 30 ? 0.163   -5.035  -7.894  1.00 24.91 ? 28  GLN A CG  1 
ATOM   215 C  CD  . GLN A 1 30 ? -0.165  -5.612  -9.277  1.00 28.22 ? 28  GLN A CD  1 
ATOM   216 O  OE1 . GLN A 1 30 ? 0.545   -6.501  -9.763  1.00 31.94 ? 28  GLN A OE1 1 
ATOM   217 N  NE2 . GLN A 1 30 ? -1.241  -5.136  -9.852  1.00 28.82 ? 28  GLN A NE2 1 
ATOM   218 N  N   . TRP A 1 31 ? 0.530   -2.971  -5.018  1.00 14.45 ? 29  TRP A N   1 
ATOM   219 C  CA  . TRP A 1 31 ? 0.445   -1.516  -4.996  1.00 14.58 ? 29  TRP A CA  1 
ATOM   220 C  C   . TRP A 1 31 ? 0.893   -1.017  -6.389  1.00 15.35 ? 29  TRP A C   1 
ATOM   221 O  O   . TRP A 1 31 ? 1.851   -1.570  -6.928  1.00 16.45 ? 29  TRP A O   1 
ATOM   222 C  CB  . TRP A 1 31 ? 1.393   -0.956  -3.928  1.00 13.49 ? 29  TRP A CB  1 
ATOM   223 C  CG  . TRP A 1 31 ? 0.823   -1.082  -2.540  1.00 13.89 ? 29  TRP A CG  1 
ATOM   224 C  CD1 . TRP A 1 31 ? -0.025  -0.182  -1.945  1.00 15.63 ? 29  TRP A CD1 1 
ATOM   225 C  CD2 . TRP A 1 31 ? 1.026   -2.136  -1.600  1.00 15.79 ? 29  TRP A CD2 1 
ATOM   226 N  NE1 . TRP A 1 31 ? -0.342  -0.614  -0.677  1.00 16.37 ? 29  TRP A NE1 1 
ATOM   227 C  CE2 . TRP A 1 31 ? 0.290   -1.814  -0.445  1.00 15.70 ? 29  TRP A CE2 1 
ATOM   228 C  CE3 . TRP A 1 31 ? 1.775   -3.322  -1.668  1.00 15.98 ? 29  TRP A CE3 1 
ATOM   229 C  CZ2 . TRP A 1 31 ? 0.277   -2.639  0.685   1.00 18.32 ? 29  TRP A CZ2 1 
ATOM   230 C  CZ3 . TRP A 1 31 ? 1.753   -4.144  -0.523  1.00 17.87 ? 29  TRP A CZ3 1 
ATOM   231 C  CH2 . TRP A 1 31 ? 1.023   -3.778  0.600   1.00 14.92 ? 29  TRP A CH2 1 
ATOM   232 N  N   . VAL A 1 32 ? 0.215   -0.049  -6.934  1.00 15.56 ? 30  VAL A N   1 
ATOM   233 C  CA  . VAL A 1 32 ? 0.493   0.484   -8.266  1.00 16.94 ? 30  VAL A CA  1 
ATOM   234 C  C   . VAL A 1 32 ? 0.733   1.984   -8.192  1.00 15.87 ? 30  VAL A C   1 
ATOM   235 O  O   . VAL A 1 32 ? -0.098  2.711   -7.674  1.00 16.60 ? 30  VAL A O   1 
ATOM   236 C  CB  . VAL A 1 32 ? -0.666  0.206   -9.254  1.00 18.15 ? 30  VAL A CB  1 
ATOM   237 C  CG1 . VAL A 1 32 ? -0.190  0.578   -10.669 1.00 19.63 ? 30  VAL A CG1 1 
ATOM   238 C  CG2 . VAL A 1 32 ? -1.081  -1.259  -9.235  1.00 22.29 ? 30  VAL A CG2 1 
ATOM   239 N  N   . ASN A 1 33 ? 1.882   2.413   -8.654  1.00 14.79 ? 31  ASN A N   1 
ATOM   240 C  CA  . ASN A 1 33 ? 2.267   3.832   -8.611  1.00 18.38 ? 31  ASN A CA  1 
ATOM   241 C  C   . ASN A 1 33 ? 1.337   4.562   -9.559  1.00 18.72 ? 31  ASN A C   1 
ATOM   242 O  O   . ASN A 1 33 ? 1.314   4.252   -10.743 1.00 18.88 ? 31  ASN A O   1 
ATOM   243 C  CB  . ASN A 1 33 ? 3.728   3.931   -8.988  1.00 21.64 ? 31  ASN A CB  1 
ATOM   244 C  CG  . ASN A 1 33 ? 4.482   5.012   -8.260  1.00 23.17 ? 31  ASN A CG  1 
ATOM   245 O  OD1 . ASN A 1 33 ? 4.028   5.506   -7.227  1.00 23.31 ? 31  ASN A OD1 1 
ATOM   246 N  ND2 . ASN A 1 33 ? 5.645   5.355   -8.817  1.00 21.60 ? 31  ASN A ND2 1 
ATOM   247 N  N   . ASN A 1 34 ? 0.556   5.486   -9.002  1.00 19.64 ? 32  ASN A N   1 
ATOM   248 C  CA  . ASN A 1 34 ? -0.461  6.177   -9.800  1.00 20.76 ? 32  ASN A CA  1 
ATOM   249 C  C   . ASN A 1 34 ? -0.099  7.618   -10.072 1.00 22.92 ? 32  ASN A C   1 
ATOM   250 O  O   . ASN A 1 34 ? 0.150   7.949   -11.252 1.00 26.59 ? 32  ASN A O   1 
ATOM   251 C  CB  . ASN A 1 34 ? -1.824  6.038   -9.129  1.00 21.87 ? 32  ASN A CB  1 
ATOM   252 C  CG  . ASN A 1 34 ? -2.993  6.523   -9.970  1.00 25.56 ? 32  ASN A CG  1 
ATOM   253 O  OD1 . ASN A 1 34 ? -2.978  6.358   -11.205 1.00 27.25 ? 32  ASN A OD1 1 
ATOM   254 N  ND2 . ASN A 1 34 ? -3.993  7.130   -9.348  1.00 23.07 ? 32  ASN A ND2 1 
ATOM   255 N  N   . LYS A 1 35 ? -0.102  8.465   -9.076  1.00 21.81 ? 33  LYS A N   1 
ATOM   256 C  CA  . LYS A 1 35 ? 0.176   9.886   -9.208  1.00 21.88 ? 33  LYS A CA  1 
ATOM   257 C  C   . LYS A 1 35 ? 0.988   10.363  -7.982  1.00 21.47 ? 33  LYS A C   1 
ATOM   258 O  O   . LYS A 1 35 ? 0.922   9.767   -6.905  1.00 18.19 ? 33  LYS A O   1 
ATOM   259 C  CB  . LYS A 1 35 ? -1.128  10.679  -9.145  1.00 25.05 ? 33  LYS A CB  1 
ATOM   260 C  CG  . LYS A 1 35 ? -2.092  10.545  -10.307 1.00 27.51 ? 33  LYS A CG  1 
ATOM   261 C  CD  . LYS A 1 35 ? -3.346  11.352  -9.989  1.00 32.22 ? 33  LYS A CD  1 
ATOM   262 C  CE  . LYS A 1 35 ? -3.758  12.169  -11.205 1.00 36.31 ? 33  LYS A CE  1 
ATOM   263 N  NZ  . LYS A 1 35 ? -4.951  11.520  -11.855 1.00 39.49 ? 33  LYS A NZ  1 
ATOM   264 N  N   . LEU A 1 36 ? 1.714   11.448  -8.186  1.00 19.24 ? 34  LEU A N   1 
ATOM   265 C  CA  . LEU A 1 36 ? 2.444   12.145  -7.165  1.00 21.41 ? 34  LEU A CA  1 
ATOM   266 C  C   . LEU A 1 36 ? 3.605   11.370  -6.547  1.00 21.36 ? 34  LEU A C   1 
ATOM   267 O  O   . LEU A 1 36 ? 3.945   11.548  -5.378  1.00 21.20 ? 34  LEU A O   1 
ATOM   268 C  CB  . LEU A 1 36 ? 1.492   12.638  -6.075  1.00 22.74 ? 34  LEU A CB  1 
ATOM   269 C  CG  . LEU A 1 36 ? 0.253   13.431  -6.483  1.00 28.92 ? 34  LEU A CG  1 
ATOM   270 C  CD1 . LEU A 1 36 ? -0.677  13.567  -5.275  1.00 30.42 ? 34  LEU A CD1 1 
ATOM   271 C  CD2 . LEU A 1 36 ? 0.617   14.795  -7.050  1.00 30.09 ? 34  LEU A CD2 1 
ATOM   272 N  N   . ALA A 1 37 ? 4.248   10.536  -7.333  1.00 22.20 ? 35  ALA A N   1 
ATOM   273 C  CA  . ALA A 1 37 ? 5.410   9.764   -6.916  1.00 22.55 ? 35  ALA A CA  1 
ATOM   274 C  C   . ALA A 1 37 ? 6.570   10.730  -6.632  1.00 24.39 ? 35  ALA A C   1 
ATOM   275 O  O   . ALA A 1 37 ? 6.520   11.900  -7.054  1.00 24.04 ? 35  ALA A O   1 
ATOM   276 C  CB  . ALA A 1 37 ? 5.756   8.812   -8.042  1.00 24.17 ? 35  ALA A CB  1 
ATOM   277 N  N   . PRO A 1 38 ? 7.553   10.283  -5.865  1.00 21.67 ? 36  PRO A N   1 
ATOM   278 C  CA  . PRO A 1 38 ? 7.676   8.939   -5.399  1.00 21.58 ? 36  PRO A CA  1 
ATOM   279 C  C   . PRO A 1 38 ? 6.902   8.574   -4.133  1.00 19.01 ? 36  PRO A C   1 
ATOM   280 O  O   . PRO A 1 38 ? 6.549   9.385   -3.292  1.00 19.22 ? 36  PRO A O   1 
ATOM   281 C  CB  . PRO A 1 38 ? 9.170   8.802   -5.063  1.00 23.08 ? 36  PRO A CB  1 
ATOM   282 C  CG  . PRO A 1 38 ? 9.566   10.189  -4.640  1.00 24.97 ? 36  PRO A CG  1 
ATOM   283 C  CD  . PRO A 1 38 ? 8.755   11.109  -5.517  1.00 24.72 ? 36  PRO A CD  1 
ATOM   284 N  N   . HIS A 1 39 ? 6.691   7.263   -4.005  1.00 16.57 ? 37  HIS A N   1 
ATOM   285 C  CA  . HIS A 1 39 ? 6.025   6.703   -2.836  1.00 16.01 ? 37  HIS A CA  1 
ATOM   286 C  C   . HIS A 1 39 ? 6.731   5.383   -2.434  1.00 15.95 ? 37  HIS A C   1 
ATOM   287 O  O   . HIS A 1 39 ? 7.402   4.715   -3.209  1.00 16.90 ? 37  HIS A O   1 
ATOM   288 C  CB  . HIS A 1 39 ? 4.591   6.279   -3.188  1.00 15.76 ? 37  HIS A CB  1 
ATOM   289 C  CG  . HIS A 1 39 ? 3.700   7.329   -3.749  1.00 15.59 ? 37  HIS A CG  1 
ATOM   290 N  ND1 . HIS A 1 39 ? 3.276   8.428   -3.036  1.00 16.80 ? 37  HIS A ND1 1 
ATOM   291 C  CD2 . HIS A 1 39 ? 3.134   7.457   -4.961  1.00 15.22 ? 37  HIS A CD2 1 
ATOM   292 C  CE1 . HIS A 1 39 ? 2.495   9.199   -3.750  1.00 15.77 ? 37  HIS A CE1 1 
ATOM   293 N  NE2 . HIS A 1 39 ? 2.377   8.636   -4.945  1.00 15.64 ? 37  HIS A NE2 1 
ATOM   294 N  N   . ASN A 1 40 ? 6.476   4.975   -1.199  1.00 15.66 ? 38  ASN A N   1 
ATOM   295 C  CA  . ASN A 1 40 ? 6.922   3.640   -0.765  1.00 15.11 ? 38  ASN A CA  1 
ATOM   296 C  C   . ASN A 1 40 ? 5.844   3.097   0.164   1.00 13.76 ? 38  ASN A C   1 
ATOM   297 O  O   . ASN A 1 40 ? 4.789   3.731   0.421   1.00 14.11 ? 38  ASN A O   1 
ATOM   298 C  CB  . ASN A 1 40 ? 8.319   3.593   -0.199  1.00 14.39 ? 38  ASN A CB  1 
ATOM   299 C  CG  . ASN A 1 40 ? 8.515   4.182   1.166   1.00 17.36 ? 38  ASN A CG  1 
ATOM   300 O  OD1 . ASN A 1 40 ? 7.588   4.659   1.834   1.00 16.56 ? 38  ASN A OD1 1 
ATOM   301 N  ND2 . ASN A 1 40 ? 9.786   4.141   1.617   1.00 18.96 ? 38  ASN A ND2 1 
ATOM   302 N  N   . VAL A 1 41 ? 6.091   1.872   0.665   1.00 13.25 ? 39  VAL A N   1 
ATOM   303 C  CA  . VAL A 1 41 ? 5.094   1.251   1.577   1.00 12.54 ? 39  VAL A CA  1 
ATOM   304 C  C   . VAL A 1 41 ? 5.837   0.579   2.739   1.00 14.17 ? 39  VAL A C   1 
ATOM   305 O  O   . VAL A 1 41 ? 6.603   -0.361  2.531   1.00 15.29 ? 39  VAL A O   1 
ATOM   306 C  CB  . VAL A 1 41 ? 4.278   0.176   0.874   1.00 13.44 ? 39  VAL A CB  1 
ATOM   307 C  CG1 . VAL A 1 41 ? 3.417   -0.661  1.840   1.00 17.14 ? 39  VAL A CG1 1 
ATOM   308 C  CG2 . VAL A 1 41 ? 3.308   0.770   -0.175  1.00 16.28 ? 39  VAL A CG2 1 
ATOM   309 N  N   . VAL A 1 42 ? 5.565   1.059   3.928   1.00 14.09 ? 40  VAL A N   1 
ATOM   310 C  CA  . VAL A 1 42 ? 6.078   0.399   5.128   1.00 14.70 ? 40  VAL A CA  1 
ATOM   311 C  C   . VAL A 1 42 ? 4.866   -0.142  5.888   1.00 15.47 ? 40  VAL A C   1 
ATOM   312 O  O   . VAL A 1 42 ? 3.981   0.630   6.273   1.00 15.49 ? 40  VAL A O   1 
ATOM   313 C  CB  . VAL A 1 42 ? 6.954   1.328   5.957   1.00 19.41 ? 40  VAL A CB  1 
ATOM   314 C  CG1 . VAL A 1 42 ? 6.529   2.733   5.757   1.00 27.83 ? 40  VAL A CG1 1 
ATOM   315 C  CG2 . VAL A 1 42 ? 7.098   0.864   7.387   1.00 20.38 ? 40  VAL A CG2 1 
ATOM   316 N  N   . VAL A 1 43 ? 4.837   -1.443  6.081   1.00 15.99 ? 41  VAL A N   1 
ATOM   317 C  CA  . VAL A 1 43 ? 3.746   -2.106  6.819   1.00 15.57 ? 41  VAL A CA  1 
ATOM   318 C  C   . VAL A 1 43 ? 4.205   -2.177  8.294   1.00 16.60 ? 41  VAL A C   1 
ATOM   319 O  O   . VAL A 1 43 ? 5.206   -2.851  8.589   1.00 15.96 ? 41  VAL A O   1 
ATOM   320 C  CB  . VAL A 1 43 ? 3.440   -3.501  6.276   1.00 14.85 ? 41  VAL A CB  1 
ATOM   321 C  CG1 . VAL A 1 43 ? 2.239   -4.109  7.050   1.00 15.96 ? 41  VAL A CG1 1 
ATOM   322 C  CG2 . VAL A 1 43 ? 3.072   -3.465  4.772   1.00 15.36 ? 41  VAL A CG2 1 
ATOM   323 N  N   . GLU A 1 44 ? 3.539   -1.463  9.172   1.00 14.70 ? 42  GLU A N   1 
ATOM   324 C  CA  . GLU A 1 44 ? 3.915   -1.417  10.586  1.00 16.31 ? 42  GLU A CA  1 
ATOM   325 C  C   . GLU A 1 44 ? 4.136   -2.784  11.196  1.00 16.19 ? 42  GLU A C   1 
ATOM   326 O  O   . GLU A 1 44 ? 3.275   -3.631  11.084  1.00 17.87 ? 42  GLU A O   1 
ATOM   327 C  CB  . GLU A 1 44 ? 2.831   -0.666  11.403  1.00 17.88 ? 42  GLU A CB  1 
ATOM   328 C  CG  . GLU A 1 44 ? 2.806   0.802   11.019  1.00 19.87 ? 42  GLU A CG  1 
ATOM   329 C  CD  . GLU A 1 44 ? 2.006   1.644   12.026  1.00 24.86 ? 42  GLU A CD  1 
ATOM   330 O  OE1 . GLU A 1 44 ? 1.199   1.099   12.788  1.00 25.98 ? 42  GLU A OE1 1 
ATOM   331 O  OE2 . GLU A 1 44 ? 2.228   2.860   12.016  1.00 28.33 ? 42  GLU A OE2 1 
ATOM   332 N  N   . GLY A 1 45 ? 5.320   -2.975  11.819  1.00 16.12 ? 49  GLY A N   1 
ATOM   333 C  CA  . GLY A 1 45 ? 5.677   -4.232  12.442  1.00 17.60 ? 49  GLY A CA  1 
ATOM   334 C  C   . GLY A 1 45 ? 6.068   -5.383  11.563  1.00 18.85 ? 49  GLY A C   1 
ATOM   335 O  O   . GLY A 1 45 ? 6.399   -6.499  12.063  1.00 18.72 ? 49  GLY A O   1 
ATOM   336 N  N   . GLN A 1 46 ? 6.001   -5.221  10.215  1.00 16.02 ? 52  GLN A N   1 
ATOM   337 C  CA  . GLN A 1 46 ? 6.222   -6.278  9.272   1.00 16.37 ? 52  GLN A CA  1 
ATOM   338 C  C   . GLN A 1 46 ? 7.216   -5.938  8.189   1.00 16.31 ? 52  GLN A C   1 
ATOM   339 O  O   . GLN A 1 46 ? 6.837   -5.611  7.023   1.00 16.32 ? 52  GLN A O   1 
ATOM   340 C  CB  . GLN A 1 46 ? 4.887   -6.612  8.511   1.00 20.14 ? 52  GLN A CB  1 
ATOM   341 C  CG  . GLN A 1 46 ? 3.694   -6.796  9.431   1.00 21.36 ? 52  GLN A CG  1 
ATOM   342 C  CD  . GLN A 1 46 ? 3.779   -8.068  10.249  1.00 24.81 ? 52  GLN A CD  1 
ATOM   343 O  OE1 . GLN A 1 46 ? 3.300   -8.160  11.373  1.00 29.48 ? 52  GLN A OE1 1 
ATOM   344 N  NE2 . GLN A 1 46 ? 4.386   -9.094  9.714   1.00 27.60 ? 52  GLN A NE2 1 
ATOM   345 N  N   . PRO A 1 47 ? 8.495   -6.061  8.481   1.00 17.07 ? 53  PRO A N   1 
ATOM   346 C  CA  . PRO A 1 47 ? 9.541   -5.720  7.561   1.00 16.47 ? 53  PRO A CA  1 
ATOM   347 C  C   . PRO A 1 47 ? 9.466   -6.602  6.314   1.00 16.64 ? 53  PRO A C   1 
ATOM   348 O  O   . PRO A 1 47 ? 9.756   -6.174  5.209   1.00 19.17 ? 53  PRO A O   1 
ATOM   349 C  CB  . PRO A 1 47 ? 10.832  -6.008  8.326   1.00 18.97 ? 53  PRO A CB  1 
ATOM   350 C  CG  . PRO A 1 47 ? 10.472  -6.156  9.747   1.00 20.01 ? 53  PRO A CG  1 
ATOM   351 C  CD  . PRO A 1 47 ? 8.998   -6.456  9.845   1.00 18.01 ? 53  PRO A CD  1 
ATOM   352 N  N   . GLU A 1 48 ? 9.045   -7.850  6.488   1.00 18.72 ? 54  GLU A N   1 
ATOM   353 C  CA  . GLU A 1 48 ? 8.955   -8.779  5.348   1.00 22.19 ? 54  GLU A CA  1 
ATOM   354 C  C   . GLU A 1 48 ? 7.846   -8.448  4.367   1.00 21.47 ? 54  GLU A C   1 
ATOM   355 O  O   . GLU A 1 48 ? 7.875   -8.969  3.234   1.00 23.24 ? 54  GLU A O   1 
ATOM   356 C  CB  . GLU A 1 48 ? 8.739   -10.203 5.887   1.00 24.03 ? 54  GLU A CB  1 
ATOM   357 C  CG  . GLU A 1 48 ? 7.396   -10.480 6.480   1.00 30.00 ? 54  GLU A CG  1 
ATOM   358 C  CD  . GLU A 1 48 ? 7.051   -9.794  7.796   1.00 32.93 ? 54  GLU A CD  1 
ATOM   359 O  OE1 . GLU A 1 48 ? 7.929   -9.409  8.613   1.00 29.63 ? 54  GLU A OE1 1 
ATOM   360 O  OE2 . GLU A 1 48 ? 5.808   -9.670  8.000   1.00 34.55 ? 54  GLU A OE2 1 
ATOM   361 N  N   . LEU A 1 49 ? 6.864   -7.638  4.745   1.00 17.59 ? 55  LEU A N   1 
ATOM   362 C  CA  . LEU A 1 49 ? 5.783   -7.306  3.814   1.00 18.40 ? 55  LEU A CA  1 
ATOM   363 C  C   . LEU A 1 49 ? 5.987   -5.877  3.308   1.00 18.54 ? 55  LEU A C   1 
ATOM   364 O  O   . LEU A 1 49 ? 5.149   -5.379  2.567   1.00 20.17 ? 55  LEU A O   1 
ATOM   365 C  CB  . LEU A 1 49 ? 4.447   -7.332  4.565   1.00 18.72 ? 55  LEU A CB  1 
ATOM   366 C  CG  . LEU A 1 49 ? 4.034   -8.717  5.120   1.00 18.22 ? 55  LEU A CG  1 
ATOM   367 C  CD1 . LEU A 1 49 ? 2.686   -8.632  5.788   1.00 19.59 ? 55  LEU A CD1 1 
ATOM   368 C  CD2 . LEU A 1 49 ? 4.042   -9.755  3.992   1.00 20.95 ? 55  LEU A CD2 1 
ATOM   369 N  N   . SER A 1 50 ? 7.047   -5.216  3.746   1.00 17.36 ? 56  SER A N   1 
ATOM   370 C  CA  . SER A 1 50 ? 7.292   -3.836  3.372   1.00 14.62 ? 56  SER A CA  1 
ATOM   371 C  C   . SER A 1 50 ? 8.139   -3.657  2.126   1.00 18.14 ? 56  SER A C   1 
ATOM   372 O  O   . SER A 1 50 ? 8.822   -4.577  1.686   1.00 18.87 ? 56  SER A O   1 
ATOM   373 C  CB  . SER A 1 50 ? 7.949   -3.104  4.559   1.00 16.53 ? 56  SER A CB  1 
ATOM   374 O  OG  . SER A 1 50 ? 7.146   -3.100  5.715   1.00 15.85 ? 56  SER A OG  1 
ATOM   375 N  N   . HIS A 1 51 ? 8.075   -2.460  1.526   1.00 15.66 ? 57  HIS A N   1 
ATOM   376 C  CA  . HIS A 1 51 ? 8.847   -2.153  0.318   1.00 18.25 ? 57  HIS A CA  1 
ATOM   377 C  C   . HIS A 1 51 ? 9.439   -0.749  0.544   1.00 17.68 ? 57  HIS A C   1 
ATOM   378 O  O   . HIS A 1 51 ? 8.828   0.235   0.168   1.00 17.90 ? 57  HIS A O   1 
ATOM   379 C  CB  . HIS A 1 51 ? 7.929   -2.135  -0.909  1.00 17.89 ? 57  HIS A CB  1 
ATOM   380 C  CG  . HIS A 1 51 ? 8.665   -2.012  -2.216  1.00 19.86 ? 57  HIS A CG  1 
ATOM   381 N  ND1 . HIS A 1 51 ? 9.154   -0.819  -2.680  1.00 22.09 ? 57  HIS A ND1 1 
ATOM   382 C  CD2 . HIS A 1 51 ? 8.945   -2.947  -3.152  1.00 20.57 ? 57  HIS A CD2 1 
ATOM   383 C  CE1 . HIS A 1 51 ? 9.757   -1.014  -3.863  1.00 22.12 ? 57  HIS A CE1 1 
ATOM   384 N  NE2 . HIS A 1 51 ? 9.637   -2.308  -4.168  1.00 24.18 ? 57  HIS A NE2 1 
ATOM   385 N  N   . LYS A 1 52 ? 10.569  -0.664  1.222   1.00 19.91 ? 58  LYS A N   1 
ATOM   386 C  CA  . LYS A 1 52 ? 11.159  0.645   1.542   1.00 22.55 ? 58  LYS A CA  1 
ATOM   387 C  C   . LYS A 1 52 ? 11.714  1.411   0.367   1.00 23.02 ? 58  LYS A C   1 
ATOM   388 O  O   . LYS A 1 52 ? 11.815  2.663   0.396   1.00 21.46 ? 58  LYS A O   1 
ATOM   389 C  CB  . LYS A 1 52 ? 12.311  0.366   2.546   1.00 27.08 ? 58  LYS A CB  1 
ATOM   390 C  CG  . LYS A 1 52 ? 11.722  -0.083  3.895   1.00 31.33 ? 58  LYS A CG  1 
ATOM   391 C  CD  . LYS A 1 52 ? 11.570  1.164   4.766   1.00 34.13 ? 58  LYS A CD  1 
ATOM   392 C  CE  . LYS A 1 52 ? 12.787  1.362   5.646   1.00 35.06 ? 58  LYS A CE  1 
ATOM   393 N  NZ  . LYS A 1 52 ? 12.743  2.699   6.327   1.00 37.33 ? 58  LYS A NZ  1 
ATOM   394 N  N   . ASP A 1 53 ? 12.116  0.702   -0.686  1.00 22.04 ? 59  ASP A N   1 
ATOM   395 C  CA  . ASP A 1 53 ? 12.662  1.374   -1.858  1.00 23.97 ? 59  ASP A CA  1 
ATOM   396 C  C   . ASP A 1 53 ? 11.589  2.274   -2.484  1.00 22.69 ? 59  ASP A C   1 
ATOM   397 O  O   . ASP A 1 53 ? 10.440  1.851   -2.623  1.00 21.38 ? 59  ASP A O   1 
ATOM   398 C  CB  . ASP A 1 53 ? 13.106  0.343   -2.907  1.00 27.24 ? 59  ASP A CB  1 
ATOM   399 C  CG  . ASP A 1 53 ? 14.372  -0.398  -2.529  1.00 31.37 ? 59  ASP A CG  1 
ATOM   400 O  OD1 . ASP A 1 53 ? 15.228  0.126   -1.799  1.00 31.77 ? 59  ASP A OD1 1 
ATOM   401 O  OD2 . ASP A 1 53 ? 14.516  -1.574  -2.958  1.00 35.63 ? 59  ASP A OD2 1 
ATOM   402 N  N   . LEU A 1 54 ? 11.981  3.504   -2.877  1.00 20.25 ? 62  LEU A N   1 
ATOM   403 C  CA  . LEU A 1 54 ? 10.998  4.372   -3.506  1.00 20.61 ? 62  LEU A CA  1 
ATOM   404 C  C   . LEU A 1 54 ? 10.587  3.919   -4.904  1.00 20.53 ? 62  LEU A C   1 
ATOM   405 O  O   . LEU A 1 54 ? 11.380  3.436   -5.718  1.00 21.41 ? 62  LEU A O   1 
ATOM   406 C  CB  . LEU A 1 54 ? 11.558  5.812   -3.621  1.00 21.52 ? 62  LEU A CB  1 
ATOM   407 C  CG  . LEU A 1 54 ? 11.818  6.547   -2.326  1.00 23.88 ? 62  LEU A CG  1 
ATOM   408 C  CD1 . LEU A 1 54 ? 12.385  7.951   -2.525  1.00 24.63 ? 62  LEU A CD1 1 
ATOM   409 C  CD2 . LEU A 1 54 ? 10.548  6.680   -1.486  1.00 23.32 ? 62  LEU A CD2 1 
ATOM   410 N  N   . ALA A 1 55 ? 9.320   4.161   -5.232  1.00 18.31 ? 63  ALA A N   1 
ATOM   411 C  CA  . ALA A 1 55 ? 8.811   3.886   -6.582  1.00 18.86 ? 63  ALA A CA  1 
ATOM   412 C  C   . ALA A 1 55 ? 8.632   5.229   -7.279  1.00 19.38 ? 63  ALA A C   1 
ATOM   413 O  O   . ALA A 1 55 ? 7.876   6.092   -6.823  1.00 19.42 ? 63  ALA A O   1 
ATOM   414 C  CB  . ALA A 1 55 ? 7.494   3.123   -6.499  1.00 18.46 ? 63  ALA A CB  1 
ATOM   415 N  N   . PHE A 1 56 ? 9.362   5.480   -8.367  1.00 19.51 ? 64  PHE A N   1 
ATOM   416 C  CA  . PHE A 1 56 ? 9.327   6.720   -9.097  1.00 21.60 ? 64  PHE A CA  1 
ATOM   417 C  C   . PHE A 1 56 ? 8.443   6.770   -10.334 1.00 20.91 ? 64  PHE A C   1 
ATOM   418 O  O   . PHE A 1 56 ? 7.840   7.818   -10.580 1.00 22.11 ? 64  PHE A O   1 
ATOM   419 C  CB  . PHE A 1 56 ? 10.769  7.088   -9.564  1.00 23.03 ? 64  PHE A CB  1 
ATOM   420 C  CG  . PHE A 1 56 ? 11.628  7.527   -8.397  1.00 24.60 ? 64  PHE A CG  1 
ATOM   421 C  CD1 . PHE A 1 56 ? 11.647  8.867   -8.030  1.00 26.17 ? 64  PHE A CD1 1 
ATOM   422 C  CD2 . PHE A 1 56 ? 12.365  6.610   -7.681  1.00 25.75 ? 64  PHE A CD2 1 
ATOM   423 C  CE1 . PHE A 1 56 ? 12.436  9.269   -6.956  1.00 25.85 ? 64  PHE A CE1 1 
ATOM   424 C  CE2 . PHE A 1 56 ? 13.146  7.006   -6.599  1.00 26.60 ? 64  PHE A CE2 1 
ATOM   425 C  CZ  . PHE A 1 56 ? 13.167  8.352   -6.256  1.00 25.86 ? 64  PHE A CZ  1 
ATOM   426 N  N   . SER A 1 57 ? 8.354   5.725   -11.135 1.00 20.65 ? 65  SER A N   1 
ATOM   427 C  CA  . SER A 1 57 ? 7.587   5.778   -12.363 1.00 21.03 ? 65  SER A CA  1 
ATOM   428 C  C   . SER A 1 57 ? 6.151   5.340   -12.276 1.00 19.82 ? 65  SER A C   1 
ATOM   429 O  O   . SER A 1 57 ? 5.871   4.392   -11.539 1.00 18.25 ? 65  SER A O   1 
ATOM   430 C  CB  . SER A 1 57 ? 8.271   4.828   -13.399 1.00 24.50 ? 65  SER A CB  1 
ATOM   431 O  OG  . SER A 1 57 ? 9.589   5.334   -13.586 1.00 29.81 ? 65  SER A OG  1 
ATOM   432 N  N   . PRO A 1 58 ? 5.265   5.977   -13.034 1.00 17.24 ? 66  PRO A N   1 
ATOM   433 C  CA  . PRO A 1 58 ? 3.888   5.612   -13.060 1.00 17.60 ? 66  PRO A CA  1 
ATOM   434 C  C   . PRO A 1 58 ? 3.756   4.162   -13.559 1.00 17.21 ? 66  PRO A C   1 
ATOM   435 O  O   . PRO A 1 58 ? 4.510   3.741   -14.454 1.00 16.22 ? 66  PRO A O   1 
ATOM   436 C  CB  . PRO A 1 58 ? 3.249   6.532   -14.097 1.00 21.91 ? 66  PRO A CB  1 
ATOM   437 C  CG  . PRO A 1 58 ? 4.325   7.410   -14.610 1.00 22.91 ? 66  PRO A CG  1 
ATOM   438 C  CD  . PRO A 1 58 ? 5.588   7.137   -13.909 1.00 20.89 ? 66  PRO A CD  1 
ATOM   439 N  N   . GLY A 1 59 ? 2.919   3.391   -12.898 1.00 16.52 ? 67  GLY A N   1 
ATOM   440 C  CA  . GLY A 1 59 ? 2.712   2.010   -13.258 1.00 17.56 ? 67  GLY A CA  1 
ATOM   441 C  C   . GLY A 1 59 ? 3.600   1.032   -12.525 1.00 17.58 ? 67  GLY A C   1 
ATOM   442 O  O   . GLY A 1 59 ? 3.335   -0.188  -12.646 1.00 19.34 ? 67  GLY A O   1 
ATOM   443 N  N   . GLU A 1 60 ? 4.657   1.503   -11.871 1.00 17.36 ? 68  GLU A N   1 
ATOM   444 C  CA  . GLU A 1 60 ? 5.559   0.564   -11.182 1.00 17.49 ? 68  GLU A CA  1 
ATOM   445 C  C   . GLU A 1 60 ? 4.728   -0.190  -10.143 1.00 19.38 ? 68  GLU A C   1 
ATOM   446 O  O   . GLU A 1 60 ? 3.907   0.444   -9.424  1.00 17.14 ? 68  GLU A O   1 
ATOM   447 C  CB  . GLU A 1 60 ? 6.659   1.352   -10.490 1.00 20.16 ? 68  GLU A CB  1 
ATOM   448 C  CG  . GLU A 1 60 ? 7.758   0.540   -9.840  1.00 24.52 ? 68  GLU A CG  1 
ATOM   449 C  CD  . GLU A 1 60 ? 8.961   1.394   -9.454  1.00 26.28 ? 68  GLU A CD  1 
ATOM   450 O  OE1 . GLU A 1 60 ? 9.150   2.542   -9.905  1.00 29.87 ? 68  GLU A OE1 1 
ATOM   451 O  OE2 . GLU A 1 60 ? 9.751   0.911   -8.637  1.00 31.72 ? 68  GLU A OE2 1 
ATOM   452 N  N   . THR A 1 61 ? 4.910   -1.505  -10.076 1.00 16.45 ? 69  THR A N   1 
ATOM   453 C  CA  . THR A 1 61 ? 4.101   -2.222  -9.065  1.00 16.86 ? 69  THR A CA  1 
ATOM   454 C  C   . THR A 1 61 ? 5.003   -3.052  -8.164  1.00 21.04 ? 69  THR A C   1 
ATOM   455 O  O   . THR A 1 61 ? 6.136   -3.378  -8.522  1.00 21.87 ? 69  THR A O   1 
ATOM   456 C  CB  . THR A 1 61 ? 3.110   -3.176  -9.745  1.00 20.66 ? 69  THR A CB  1 
ATOM   457 O  OG1 . THR A 1 61 ? 3.914   -4.105  -10.535 1.00 25.68 ? 69  THR A OG1 1 
ATOM   458 C  CG2 . THR A 1 61 ? 2.143   -2.498  -10.681 1.00 20.93 ? 69  THR A CG2 1 
ATOM   459 N  N   . PHE A 1 62 ? 4.495   -3.408  -6.982  1.00 18.55 ? 70  PHE A N   1 
ATOM   460 C  CA  . PHE A 1 62 ? 5.216   -4.344  -6.104  1.00 19.31 ? 70  PHE A CA  1 
ATOM   461 C  C   . PHE A 1 62 ? 4.103   -5.014  -5.268  1.00 18.98 ? 70  PHE A C   1 
ATOM   462 O  O   . PHE A 1 62 ? 2.979   -4.502  -5.260  1.00 17.39 ? 70  PHE A O   1 
ATOM   463 C  CB  . PHE A 1 62 ? 6.283   -3.768  -5.221  1.00 19.34 ? 70  PHE A CB  1 
ATOM   464 C  CG  . PHE A 1 62 ? 5.849   -2.531  -4.477  1.00 19.19 ? 70  PHE A CG  1 
ATOM   465 C  CD1 . PHE A 1 62 ? 5.088   -2.637  -3.320  1.00 18.32 ? 70  PHE A CD1 1 
ATOM   466 C  CD2 . PHE A 1 62 ? 6.252   -1.301  -4.964  1.00 19.80 ? 70  PHE A CD2 1 
ATOM   467 C  CE1 . PHE A 1 62 ? 4.716   -1.458  -2.654  1.00 20.85 ? 70  PHE A CE1 1 
ATOM   468 C  CE2 . PHE A 1 62 ? 5.873   -0.138  -4.271  1.00 21.50 ? 70  PHE A CE2 1 
ATOM   469 C  CZ  . PHE A 1 62 ? 5.122   -0.224  -3.127  1.00 19.61 ? 70  PHE A CZ  1 
ATOM   470 N  N   . GLU A 1 63 ? 4.389   -6.162  -4.693  1.00 19.87 ? 71  GLU A N   1 
ATOM   471 C  CA  . GLU A 1 63 ? 3.314   -6.895  -4.036  1.00 21.29 ? 71  GLU A CA  1 
ATOM   472 C  C   . GLU A 1 63 ? 3.767   -7.526  -2.717  1.00 20.13 ? 71  GLU A C   1 
ATOM   473 O  O   . GLU A 1 63 ? 4.964   -7.632  -2.464  1.00 19.34 ? 71  GLU A O   1 
ATOM   474 C  CB  . GLU A 1 63 ? 2.841   -8.040  -4.924  1.00 25.96 ? 71  GLU A CB  1 
ATOM   475 C  CG  . GLU A 1 63 ? 2.744   -7.921  -6.406  1.00 33.98 ? 71  GLU A CG  1 
ATOM   476 C  CD  . GLU A 1 63 ? 2.609   -9.287  -7.080  1.00 37.63 ? 71  GLU A CD  1 
ATOM   477 O  OE1 . GLU A 1 63 ? 3.377   -10.215 -6.777  1.00 40.59 ? 71  GLU A OE1 1 
ATOM   478 O  OE2 . GLU A 1 63 ? 1.693   -9.424  -7.905  1.00 41.58 ? 71  GLU A OE2 1 
ATOM   479 N  N   . ALA A 1 64 ? 2.754   -7.938  -1.982  1.00 18.89 ? 72  ALA A N   1 
ATOM   480 C  CA  . ALA A 1 64 ? 3.035   -8.633  -0.700  1.00 18.39 ? 72  ALA A CA  1 
ATOM   481 C  C   . ALA A 1 64 ? 1.864   -9.607  -0.478  1.00 18.08 ? 72  ALA A C   1 
ATOM   482 O  O   . ALA A 1 64 ? 0.748   -9.231  -0.783  1.00 18.77 ? 72  ALA A O   1 
ATOM   483 C  CB  . ALA A 1 64 ? 3.050   -7.662  0.458   1.00 19.68 ? 72  ALA A CB  1 
ATOM   484 N  N   . THR A 1 65 ? 2.145   -10.779 0.031   1.00 17.13 ? 73  THR A N   1 
ATOM   485 C  CA  . THR A 1 65 ? 1.115   -11.773 0.311   1.00 17.42 ? 73  THR A CA  1 
ATOM   486 C  C   . THR A 1 65 ? 0.902   -11.819 1.822   1.00 17.59 ? 73  THR A C   1 
ATOM   487 O  O   . THR A 1 65 ? 1.892   -11.946 2.550   1.00 16.34 ? 73  THR A O   1 
ATOM   488 C  CB  . THR A 1 65 ? 1.568   -13.138 -0.231  1.00 18.83 ? 73  THR A CB  1 
ATOM   489 O  OG1 . THR A 1 65 ? 1.683   -13.018 -1.653  1.00 22.13 ? 73  THR A OG1 1 
ATOM   490 C  CG2 . THR A 1 65 ? 0.584   -14.214 0.174   1.00 19.69 ? 73  THR A CG2 1 
ATOM   491 N  N   . PHE A 1 66 ? -0.344  -11.627 2.249   1.00 16.33 ? 74  PHE A N   1 
ATOM   492 C  CA  . PHE A 1 66 ? -0.640  -11.570 3.695   1.00 18.10 ? 74  PHE A CA  1 
ATOM   493 C  C   . PHE A 1 66 ? -1.205  -12.930 4.096   1.00 18.92 ? 74  PHE A C   1 
ATOM   494 O  O   . PHE A 1 66 ? -2.319  -13.267 3.729   1.00 20.80 ? 74  PHE A O   1 
ATOM   495 C  CB  . PHE A 1 66 ? -1.721  -10.482 3.918   1.00 17.94 ? 74  PHE A CB  1 
ATOM   496 C  CG  . PHE A 1 66 ? -1.153  -9.091  3.801   1.00 17.61 ? 74  PHE A CG  1 
ATOM   497 C  CD1 . PHE A 1 66 ? -0.844  -8.547  2.567   1.00 18.12 ? 74  PHE A CD1 1 
ATOM   498 C  CD2 . PHE A 1 66 ? -0.915  -8.342  4.933   1.00 17.92 ? 74  PHE A CD2 1 
ATOM   499 C  CE1 . PHE A 1 66 ? -0.315  -7.290  2.454   1.00 18.03 ? 74  PHE A CE1 1 
ATOM   500 C  CE2 . PHE A 1 66 ? -0.410  -7.064  4.829   1.00 19.04 ? 74  PHE A CE2 1 
ATOM   501 C  CZ  . PHE A 1 66 ? -0.089  -6.525  3.596   1.00 17.65 ? 74  PHE A CZ  1 
ATOM   502 N  N   . SER A 1 67 ? -0.395  -13.704 4.817   1.00 20.43 ? 75  SER A N   1 
ATOM   503 C  CA  . SER A 1 67 ? -0.862  -15.044 5.173   1.00 21.97 ? 75  SER A CA  1 
ATOM   504 C  C   . SER A 1 67 ? -1.534  -15.093 6.536   1.00 23.32 ? 75  SER A C   1 
ATOM   505 O  O   . SER A 1 67 ? -2.184  -16.080 6.828   1.00 22.31 ? 75  SER A O   1 
ATOM   506 C  CB  . SER A 1 67 ? 0.386   -15.973 5.217   1.00 21.88 ? 75  SER A CB  1 
ATOM   507 O  OG  . SER A 1 67 ? 1.252   -15.433 6.167   1.00 25.13 ? 75  SER A OG  1 
ATOM   508 N  N   . GLU A 1 68 ? -1.363  -14.085 7.374   1.00 23.00 ? 76  GLU A N   1 
ATOM   509 C  CA  . GLU A 1 68 ? -1.949  -14.099 8.705   1.00 25.52 ? 76  GLU A CA  1 
ATOM   510 C  C   . GLU A 1 68 ? -3.084  -13.122 8.897   1.00 25.39 ? 76  GLU A C   1 
ATOM   511 O  O   . GLU A 1 68 ? -2.918  -11.928 8.660   1.00 23.05 ? 76  GLU A O   1 
ATOM   512 C  CB  . GLU A 1 68 ? -0.860  -13.770 9.749   1.00 28.95 ? 76  GLU A CB  1 
ATOM   513 C  CG  . GLU A 1 68 ? 0.446   -14.498 9.455   1.00 35.09 ? 76  GLU A CG  1 
ATOM   514 C  CD  . GLU A 1 68 ? 1.105   -15.075 10.680  1.00 39.56 ? 76  GLU A CD  1 
ATOM   515 O  OE1 . GLU A 1 68 ? 0.669   -16.187 11.085  1.00 42.25 ? 76  GLU A OE1 1 
ATOM   516 O  OE2 . GLU A 1 68 ? 2.038   -14.433 11.208  1.00 40.50 ? 76  GLU A OE2 1 
ATOM   517 N  N   . PRO A 1 69 ? -4.220  -13.602 9.373   1.00 25.60 ? 77  PRO A N   1 
ATOM   518 C  CA  . PRO A 1 69 ? -5.375  -12.741 9.624   1.00 25.05 ? 77  PRO A CA  1 
ATOM   519 C  C   . PRO A 1 69 ? -5.031  -11.631 10.584  1.00 24.16 ? 77  PRO A C   1 
ATOM   520 O  O   . PRO A 1 69 ? -4.151  -11.799 11.452  1.00 23.04 ? 77  PRO A O   1 
ATOM   521 C  CB  . PRO A 1 69 ? -6.412  -13.701 10.228  1.00 26.99 ? 77  PRO A CB  1 
ATOM   522 C  CG  . PRO A 1 69 ? -6.023  -15.034 9.659   1.00 27.70 ? 77  PRO A CG  1 
ATOM   523 C  CD  . PRO A 1 69 ? -4.506  -15.017 9.702   1.00 28.17 ? 77  PRO A CD  1 
ATOM   524 N  N   . GLY A 1 70 ? -5.682  -10.470 10.465  1.00 21.82 ? 78  GLY A N   1 
ATOM   525 C  CA  . GLY A 1 70 ? -5.368  -9.379  11.398  1.00 22.01 ? 78  GLY A CA  1 
ATOM   526 C  C   . GLY A 1 70 ? -5.539  -8.029  10.662  1.00 20.58 ? 78  GLY A C   1 
ATOM   527 O  O   . GLY A 1 70 ? -5.925  -8.023  9.496   1.00 18.86 ? 78  GLY A O   1 
ATOM   528 N  N   . THR A 1 71 ? -5.309  -6.952  11.403  1.00 20.01 ? 79  THR A N   1 
ATOM   529 C  CA  . THR A 1 71 ? -5.455  -5.624  10.763  1.00 20.96 ? 79  THR A CA  1 
ATOM   530 C  C   . THR A 1 71 ? -4.068  -5.039  10.620  1.00 19.65 ? 79  THR A C   1 
ATOM   531 O  O   . THR A 1 71 ? -3.329  -5.001  11.631  1.00 21.70 ? 79  THR A O   1 
ATOM   532 C  CB  . THR A 1 71 ? -6.331  -4.666  11.591  1.00 23.60 ? 79  THR A CB  1 
ATOM   533 O  OG1 . THR A 1 71 ? -7.681  -5.141  11.520  1.00 25.25 ? 79  THR A OG1 1 
ATOM   534 C  CG2 . THR A 1 71 ? -6.251  -3.256  11.017  1.00 23.51 ? 79  THR A CG2 1 
ATOM   535 N  N   . TYR A 1 72 ? -3.706  -4.579  9.447   1.00 15.60 ? 80  TYR A N   1 
ATOM   536 C  CA  . TYR A 1 72 ? -2.351  -4.059  9.236   1.00 17.39 ? 80  TYR A CA  1 
ATOM   537 C  C   . TYR A 1 72 ? -2.391  -2.592  8.831   1.00 17.43 ? 80  TYR A C   1 
ATOM   538 O  O   . TYR A 1 72 ? -3.216  -2.245  7.996   1.00 21.03 ? 80  TYR A O   1 
ATOM   539 C  CB  . TYR A 1 72 ? -1.725  -4.875  8.091   1.00 16.91 ? 80  TYR A CB  1 
ATOM   540 C  CG  . TYR A 1 72 ? -1.520  -6.327  8.466   1.00 19.39 ? 80  TYR A CG  1 
ATOM   541 C  CD1 . TYR A 1 72 ? -0.345  -6.756  9.069   1.00 21.06 ? 80  TYR A CD1 1 
ATOM   542 C  CD2 . TYR A 1 72 ? -2.516  -7.254  8.243   1.00 19.06 ? 80  TYR A CD2 1 
ATOM   543 C  CE1 . TYR A 1 72 ? -0.179  -8.094  9.421   1.00 23.97 ? 80  TYR A CE1 1 
ATOM   544 C  CE2 . TYR A 1 72 ? -2.378  -8.574  8.577   1.00 21.59 ? 80  TYR A CE2 1 
ATOM   545 C  CZ  . TYR A 1 72 ? -1.179  -8.996  9.152   1.00 24.61 ? 80  TYR A CZ  1 
ATOM   546 O  OH  . TYR A 1 72 ? -1.062  -10.324 9.463   1.00 26.48 ? 80  TYR A OH  1 
ATOM   547 N  N   . THR A 1 73 ? -1.601  -1.774  9.456   1.00 16.32 ? 81  THR A N   1 
ATOM   548 C  CA  . THR A 1 73 ? -1.550  -0.346  9.108   1.00 14.40 ? 81  THR A CA  1 
ATOM   549 C  C   . THR A 1 73 ? -0.287  -0.165  8.280   1.00 15.14 ? 81  THR A C   1 
ATOM   550 O  O   . THR A 1 73 ? 0.734   -0.776  8.617   1.00 15.11 ? 81  THR A O   1 
ATOM   551 C  CB  . THR A 1 73 ? -1.522  0.511   10.395  1.00 19.75 ? 81  THR A CB  1 
ATOM   552 O  OG1 . THR A 1 73 ? -2.810  0.292   11.026  1.00 22.46 ? 81  THR A OG1 1 
ATOM   553 C  CG2 . THR A 1 73 ? -1.412  1.991   10.021  1.00 20.56 ? 81  THR A CG2 1 
ATOM   554 N  N   . TYR A 1 74 ? -0.337  0.641   7.235   1.00 12.63 ? 82  TYR A N   1 
ATOM   555 C  CA  . TYR A 1 74 ? 0.866   0.861   6.417   1.00 12.97 ? 82  TYR A CA  1 
ATOM   556 C  C   . TYR A 1 74 ? 0.917   2.333   6.043   1.00 12.38 ? 82  TYR A C   1 
ATOM   557 O  O   . TYR A 1 74 ? -0.105  3.022   6.123   1.00 14.55 ? 82  TYR A O   1 
ATOM   558 C  CB  . TYR A 1 74 ? 0.923   -0.108  5.262   1.00 12.55 ? 82  TYR A CB  1 
ATOM   559 C  CG  . TYR A 1 74 ? -0.136  0.135   4.195   1.00 14.99 ? 82  TYR A CG  1 
ATOM   560 C  CD1 . TYR A 1 74 ? -1.381  -0.467  4.261   1.00 12.32 ? 82  TYR A CD1 1 
ATOM   561 C  CD2 . TYR A 1 74 ? 0.153   0.948   3.112   1.00 15.56 ? 82  TYR A CD2 1 
ATOM   562 C  CE1 . TYR A 1 74 ? -2.328  -0.247  3.267   1.00 13.90 ? 82  TYR A CE1 1 
ATOM   563 C  CE2 . TYR A 1 74 ? -0.776  1.185   2.114   1.00 14.50 ? 82  TYR A CE2 1 
ATOM   564 C  CZ  . TYR A 1 74 ? -2.009  0.571   2.208   1.00 15.88 ? 82  TYR A CZ  1 
ATOM   565 O  OH  . TYR A 1 74 ? -2.946  0.822   1.224   1.00 16.71 ? 82  TYR A OH  1 
ATOM   566 N  N   . TYR A 1 75 ? 2.065   2.851   5.667   1.00 13.51 ? 83  TYR A N   1 
ATOM   567 C  CA  . TYR A 1 75 ? 2.175   4.254   5.320   1.00 12.87 ? 83  TYR A CA  1 
ATOM   568 C  C   . TYR A 1 75 ? 3.284   4.443   4.279   1.00 12.68 ? 83  TYR A C   1 
ATOM   569 O  O   . TYR A 1 75 ? 4.102   3.549   4.050   1.00 14.26 ? 83  TYR A O   1 
ATOM   570 C  CB  . TYR A 1 75 ? 2.447   5.128   6.548   1.00 14.03 ? 83  TYR A CB  1 
ATOM   571 C  CG  . TYR A 1 75 ? 3.702   4.754   7.328   1.00 14.90 ? 83  TYR A CG  1 
ATOM   572 C  CD1 . TYR A 1 75 ? 4.914   5.298   6.980   1.00 17.06 ? 83  TYR A CD1 1 
ATOM   573 C  CD2 . TYR A 1 75 ? 3.634   3.898   8.415   1.00 17.23 ? 83  TYR A CD2 1 
ATOM   574 C  CE1 . TYR A 1 75 ? 6.071   4.994   7.699   1.00 20.95 ? 83  TYR A CE1 1 
ATOM   575 C  CE2 . TYR A 1 75 ? 4.781   3.575   9.144   1.00 22.04 ? 83  TYR A CE2 1 
ATOM   576 C  CZ  . TYR A 1 75 ? 5.988   4.115   8.762   1.00 22.52 ? 83  TYR A CZ  1 
ATOM   577 O  OH  . TYR A 1 75 ? 7.142   3.816   9.459   1.00 26.38 ? 83  TYR A OH  1 
ATOM   578 N  N   . CYS A 1 76 ? 3.254   5.611   3.691   1.00 12.86 ? 84  CYS A N   1 
ATOM   579 C  CA  . CYS A 1 76 ? 4.264   6.046   2.728   1.00 13.49 ? 84  CYS A CA  1 
ATOM   580 C  C   . CYS A 1 76 ? 5.240   6.933   3.525   1.00 15.38 ? 84  CYS A C   1 
ATOM   581 O  O   . CYS A 1 76 ? 4.776   7.853   4.213   1.00 15.66 ? 84  CYS A O   1 
ATOM   582 C  CB  . CYS A 1 76 ? 3.577   6.868   1.629   1.00 15.42 ? 84  CYS A CB  1 
ATOM   583 S  SG  . CYS A 1 76 ? 4.807   7.703   0.599   1.00 16.06 ? 84  CYS A SG  1 
ATOM   584 N  N   . GLU A 1 77 ? 6.545   6.662   3.494   1.00 17.17 ? 85  GLU A N   1 
ATOM   585 C  CA  . GLU A 1 77 ? 7.463   7.525   4.279   1.00 20.17 ? 85  GLU A CA  1 
ATOM   586 C  C   . GLU A 1 77 ? 7.520   8.965   3.787   1.00 20.61 ? 85  GLU A C   1 
ATOM   587 O  O   . GLU A 1 77 ? 7.321   9.869   4.607   1.00 22.27 ? 85  GLU A O   1 
ATOM   588 C  CB  . GLU A 1 77 ? 8.883   6.932   4.299   1.00 20.87 ? 85  GLU A CB  1 
ATOM   589 C  CG  . GLU A 1 77 ? 8.930   5.647   5.117   1.00 22.68 ? 85  GLU A CG  1 
ATOM   590 C  CD  . GLU A 1 77 ? 10.362  5.091   5.192   1.00 24.05 ? 85  GLU A CD  1 
ATOM   591 O  OE1 . GLU A 1 77 ? 11.011  5.064   4.138   1.00 25.03 ? 85  GLU A OE1 1 
ATOM   592 O  OE2 . GLU A 1 77 ? 10.760  4.735   6.302   1.00 27.22 ? 85  GLU A OE2 1 
ATOM   593 N  N   . PRO A 1 78 ? 7.736   9.226   2.516   1.00 20.25 ? 86  PRO A N   1 
ATOM   594 C  CA  . PRO A 1 78 ? 7.788   10.587  2.003   1.00 23.69 ? 86  PRO A CA  1 
ATOM   595 C  C   . PRO A 1 78 ? 6.553   11.409  2.305   1.00 26.85 ? 86  PRO A C   1 
ATOM   596 O  O   . PRO A 1 78 ? 6.655   12.618  2.617   1.00 26.24 ? 86  PRO A O   1 
ATOM   597 C  CB  . PRO A 1 78 ? 8.020   10.427  0.522   1.00 25.33 ? 86  PRO A CB  1 
ATOM   598 C  CG  . PRO A 1 78 ? 8.145   8.996   0.202   1.00 23.49 ? 86  PRO A CG  1 
ATOM   599 C  CD  . PRO A 1 78 ? 8.006   8.233   1.472   1.00 21.96 ? 86  PRO A CD  1 
ATOM   600 N  N   . HIS A 1 79 ? 5.358   10.800  2.265   1.00 22.69 ? 87  HIS A N   1 
ATOM   601 C  CA  . HIS A 1 79 ? 4.108   11.510  2.488   1.00 20.88 ? 87  HIS A CA  1 
ATOM   602 C  C   . HIS A 1 79 ? 3.378   11.165  3.756   1.00 22.46 ? 87  HIS A C   1 
ATOM   603 O  O   . HIS A 1 79 ? 2.179   11.478  3.901   1.00 20.90 ? 87  HIS A O   1 
ATOM   604 C  CB  . HIS A 1 79 ? 3.176   11.186  1.273   1.00 21.15 ? 87  HIS A CB  1 
ATOM   605 C  CG  . HIS A 1 79 ? 3.811   11.705  0.001   1.00 21.04 ? 87  HIS A CG  1 
ATOM   606 N  ND1 . HIS A 1 79 ? 4.058   10.907  -1.082  1.00 22.07 ? 87  HIS A ND1 1 
ATOM   607 C  CD2 . HIS A 1 79 ? 4.252   12.960  -0.307  1.00 20.80 ? 87  HIS A CD2 1 
ATOM   608 C  CE1 . HIS A 1 79 ? 4.643   11.635  -2.023  1.00 21.06 ? 87  HIS A CE1 1 
ATOM   609 N  NE2 . HIS A 1 79 ? 4.760   12.885  -1.580  1.00 21.71 ? 87  HIS A NE2 1 
ATOM   610 N  N   . ARG A 1 80 ? 4.040   10.536  4.742   1.00 23.13 ? 88  ARG A N   1 
ATOM   611 C  CA  . ARG A 1 80 ? 3.338   10.177  5.966   1.00 26.55 ? 88  ARG A CA  1 
ATOM   612 C  C   . ARG A 1 80 ? 2.776   11.425  6.658   1.00 24.90 ? 88  ARG A C   1 
ATOM   613 O  O   . ARG A 1 80 ? 1.681   11.394  7.201   1.00 25.14 ? 88  ARG A O   1 
ATOM   614 C  CB  . ARG A 1 80 ? 4.234   9.395   6.952   1.00 29.92 ? 88  ARG A CB  1 
ATOM   615 C  CG  . ARG A 1 80 ? 3.530   9.215   8.284   1.00 35.16 ? 88  ARG A CG  1 
ATOM   616 C  CD  . ARG A 1 80 ? 3.653   7.892   8.962   1.00 40.46 ? 88  ARG A CD  1 
ATOM   617 N  NE  . ARG A 1 80 ? 4.882   7.711   9.699   1.00 43.05 ? 88  ARG A NE  1 
ATOM   618 C  CZ  . ARG A 1 80 ? 5.057   7.019   10.818  1.00 44.37 ? 88  ARG A CZ  1 
ATOM   619 N  NH1 . ARG A 1 80 ? 4.042   6.402   11.409  1.00 45.72 ? 88  ARG A NH1 1 
ATOM   620 N  NH2 . ARG A 1 80 ? 6.270   6.955   11.352  1.00 43.82 ? 88  ARG A NH2 1 
ATOM   621 N  N   . GLY A 1 81 ? 3.528   12.506  6.610   1.00 26.06 ? 89  GLY A N   1 
ATOM   622 C  CA  . GLY A 1 81 ? 3.154   13.774  7.206   1.00 27.35 ? 89  GLY A CA  1 
ATOM   623 C  C   . GLY A 1 81 ? 1.893   14.367  6.581   1.00 28.10 ? 89  GLY A C   1 
ATOM   624 O  O   . GLY A 1 81 ? 1.211   15.152  7.230   1.00 29.22 ? 89  GLY A O   1 
ATOM   625 N  N   . ALA A 1 82 ? 1.589   14.020  5.338   1.00 23.90 ? 90  ALA A N   1 
ATOM   626 C  CA  . ALA A 1 82 ? 0.401   14.477  4.653   1.00 22.92 ? 90  ALA A CA  1 
ATOM   627 C  C   . ALA A 1 82 ? -0.772  13.510  4.848   1.00 20.37 ? 90  ALA A C   1 
ATOM   628 O  O   . ALA A 1 82 ? -1.848  13.728  4.292   1.00 20.25 ? 90  ALA A O   1 
ATOM   629 C  CB  . ALA A 1 82 ? 0.687   14.683  3.188   1.00 25.14 ? 90  ALA A CB  1 
ATOM   630 N  N   . GLY A 1 83 ? -0.608  12.476  5.663   1.00 17.31 ? 91  GLY A N   1 
ATOM   631 C  CA  . GLY A 1 83 ? -1.701  11.568  5.976   1.00 18.44 ? 91  GLY A CA  1 
ATOM   632 C  C   . GLY A 1 83 ? -1.792  10.375  5.024   1.00 17.40 ? 91  GLY A C   1 
ATOM   633 O  O   . GLY A 1 83 ? -2.801  9.672   5.036   1.00 18.43 ? 91  GLY A O   1 
ATOM   634 N  N   . MET A 1 84 ? -0.731  10.134  4.239   1.00 15.65 ? 92  MET A N   1 
ATOM   635 C  CA  . MET A 1 84 ? -0.759  8.968   3.311   1.00 13.80 ? 92  MET A CA  1 
ATOM   636 C  C   . MET A 1 84 ? -0.485  7.672   4.082   1.00 14.41 ? 92  MET A C   1 
ATOM   637 O  O   . MET A 1 84 ? 0.625   7.126   4.180   1.00 14.14 ? 92  MET A O   1 
ATOM   638 C  CB  . MET A 1 84 ? 0.249   9.187   2.196   1.00 14.60 ? 92  MET A CB  1 
ATOM   639 C  CG  . MET A 1 84 ? 0.099   8.120   1.100   1.00 15.65 ? 92  MET A CG  1 
ATOM   640 S  SD  . MET A 1 84 ? 0.843   8.664   -0.471  1.00 16.12 ? 92  MET A SD  1 
ATOM   641 C  CE  . MET A 1 84 ? 0.440   7.168   -1.412  1.00 14.96 ? 92  MET A CE  1 
ATOM   642 N  N   . VAL A 1 85 ? -1.554  7.161   4.659   1.00 14.13 ? 93  VAL A N   1 
ATOM   643 C  CA  . VAL A 1 85 ? -1.595  5.972   5.511   1.00 15.31 ? 93  VAL A CA  1 
ATOM   644 C  C   . VAL A 1 85 ? -2.752  5.088   5.064   1.00 15.97 ? 93  VAL A C   1 
ATOM   645 O  O   . VAL A 1 85 ? -3.779  5.643   4.671   1.00 15.14 ? 93  VAL A O   1 
ATOM   646 C  CB  . VAL A 1 85 ? -1.846  6.407   6.975   1.00 17.05 ? 93  VAL A CB  1 
ATOM   647 C  CG1 . VAL A 1 85 ? -2.046  5.211   7.903   1.00 20.57 ? 93  VAL A CG1 1 
ATOM   648 C  CG2 . VAL A 1 85 ? -0.697  7.273   7.494   1.00 19.24 ? 93  VAL A CG2 1 
ATOM   649 N  N   . GLY A 1 86 ? -2.600  3.761   5.132   1.00 14.70 ? 94  GLY A N   1 
ATOM   650 C  CA  . GLY A 1 86 ? -3.695  2.900   4.718   1.00 14.82 ? 94  GLY A CA  1 
ATOM   651 C  C   . GLY A 1 86 ? -3.890  1.750   5.704   1.00 15.98 ? 94  GLY A C   1 
ATOM   652 O  O   . GLY A 1 86 ? -3.071  1.565   6.609   1.00 13.94 ? 94  GLY A O   1 
ATOM   653 N  N   . LYS A 1 87 ? -4.956  0.992   5.470   1.00 13.23 ? 95  LYS A N   1 
ATOM   654 C  CA  . LYS A 1 87 ? -5.226  -0.160  6.349   1.00 15.64 ? 95  LYS A CA  1 
ATOM   655 C  C   . LYS A 1 87 ? -5.606  -1.365  5.504   1.00 15.78 ? 95  LYS A C   1 
ATOM   656 O  O   . LYS A 1 87 ? -6.287  -1.233  4.474   1.00 14.82 ? 95  LYS A O   1 
ATOM   657 C  CB  . LYS A 1 87 ? -6.399  0.236   7.263   1.00 21.16 ? 95  LYS A CB  1 
ATOM   658 C  CG  . LYS A 1 87 ? -6.902  -0.828  8.201   1.00 28.24 ? 95  LYS A CG  1 
ATOM   659 C  CD  . LYS A 1 87 ? -7.275  -0.252  9.569   1.00 31.26 ? 95  LYS A CD  1 
ATOM   660 C  CE  . LYS A 1 87 ? -8.538  0.565   9.555   1.00 34.73 ? 95  LYS A CE  1 
ATOM   661 N  NZ  . LYS A 1 87 ? -9.473  0.219   10.684  1.00 36.72 ? 95  LYS A NZ  1 
ATOM   662 N  N   . ILE A 1 88 ? -5.104  -2.534  5.909   1.00 14.79 ? 96  ILE A N   1 
ATOM   663 C  CA  . ILE A 1 88 ? -5.485  -3.762  5.209   1.00 14.98 ? 96  ILE A CA  1 
ATOM   664 C  C   . ILE A 1 88 ? -6.063  -4.682  6.299   1.00 16.73 ? 96  ILE A C   1 
ATOM   665 O  O   . ILE A 1 88 ? -5.388  -4.896  7.312   1.00 17.72 ? 96  ILE A O   1 
ATOM   666 C  CB  . ILE A 1 88 ? -4.294  -4.451  4.545   1.00 18.72 ? 96  ILE A CB  1 
ATOM   667 C  CG1 . ILE A 1 88 ? -3.888  -3.653  3.263   1.00 19.93 ? 96  ILE A CG1 1 
ATOM   668 C  CG2 . ILE A 1 88 ? -4.637  -5.890  4.128   1.00 20.39 ? 96  ILE A CG2 1 
ATOM   669 C  CD1 . ILE A 1 88 ? -2.433  -3.951  2.939   1.00 20.26 ? 96  ILE A CD1 1 
ATOM   670 N  N   . VAL A 1 89 ? -7.275  -5.168  6.098   1.00 16.11 ? 97  VAL A N   1 
ATOM   671 C  CA  . VAL A 1 89 ? -7.863  -6.114  7.055   1.00 16.69 ? 97  VAL A CA  1 
ATOM   672 C  C   . VAL A 1 89 ? -7.838  -7.500  6.417   1.00 15.89 ? 97  VAL A C   1 
ATOM   673 O  O   . VAL A 1 89 ? -8.301  -7.707  5.308   1.00 17.86 ? 97  VAL A O   1 
ATOM   674 C  CB  . VAL A 1 89 ? -9.312  -5.707  7.374   1.00 20.37 ? 97  VAL A CB  1 
ATOM   675 C  CG1 . VAL A 1 89 ? -9.932  -6.709  8.337   1.00 19.88 ? 97  VAL A CG1 1 
ATOM   676 C  CG2 . VAL A 1 89 ? -9.327  -4.284  7.930   1.00 20.78 ? 97  VAL A CG2 1 
ATOM   677 N  N   . VAL A 1 90 ? -7.202  -8.459  7.104   1.00 17.89 ? 98  VAL A N   1 
ATOM   678 C  CA  . VAL A 1 90 ? -7.141  -9.788  6.487   1.00 19.11 ? 98  VAL A CA  1 
ATOM   679 C  C   . VAL A 1 90 ? -8.053  -10.711 7.303   1.00 21.36 ? 98  VAL A C   1 
ATOM   680 O  O   . VAL A 1 90 ? -7.883  -10.868 8.500   1.00 19.68 ? 98  VAL A O   1 
ATOM   681 C  CB  . VAL A 1 90 ? -5.794  -10.296 6.063   1.00 23.53 ? 98  VAL A CB  1 
ATOM   682 C  CG1 . VAL A 1 90 ? -4.637  -9.325  6.212   1.00 20.16 ? 98  VAL A CG1 1 
ATOM   683 C  CG2 . VAL A 1 90 ? -5.440  -11.729 6.297   1.00 20.84 ? 98  VAL A CG2 1 
ATOM   684 N  N   . GLN A 1 91 ? -9.029  -11.195 6.576   1.00 25.72 ? 99  GLN A N   1 
ATOM   685 C  CA  . GLN A 1 91 ? -10.104 -12.048 7.087   1.00 30.20 ? 99  GLN A CA  1 
ATOM   686 C  C   . GLN A 1 91 ? -9.719  -13.513 7.028   1.00 31.91 ? 99  GLN A C   1 
ATOM   687 O  O   . GLN A 1 91 ? -8.938  -13.974 6.171   1.00 31.70 ? 99  GLN A O   1 
ATOM   688 C  CB  . GLN A 1 91 ? -11.382 -11.768 6.265   1.00 29.86 ? 99  GLN A CB  1 
ATOM   689 C  CG  . GLN A 1 91 ? -11.850 -10.335 6.194   1.00 31.63 ? 99  GLN A CG  1 
ATOM   690 C  CD  . GLN A 1 91 ? -12.784 -9.922  5.076   1.00 32.84 ? 99  GLN A CD  1 
ATOM   691 O  OE1 . GLN A 1 91 ? -12.449 -9.883  3.882   1.00 33.27 ? 99  GLN A OE1 1 
ATOM   692 N  NE2 . GLN A 1 91 ? -14.035 -9.551  5.404   1.00 28.75 ? 99  GLN A NE2 1 
ATOM   693 O  OXT . GLN A 1 91 ? -10.237 -14.275 7.891   1.00 36.05 ? 99  GLN A OXT 1 
HETATM 694 CU CU  . CU  B 2 .  ? 3.592   8.582   -0.978  1.00 26.04 ? 200 CU  A CU  1 
HETATM 695 O  O   . HOH C 3 .  ? -5.462  0.093   1.592   1.00 19.68 ? 300 HOH A O   1 
HETATM 696 O  O   . HOH C 3 .  ? 4.970   -3.910  0.254   1.00 23.17 ? 301 HOH A O   1 
HETATM 697 O  O   . HOH C 3 .  ? 4.959   -11.288 0.298   1.00 27.27 ? 302 HOH A O   1 
HETATM 698 O  O   . HOH C 3 .  ? 0.350   -11.774 6.928   1.00 30.29 ? 303 HOH A O   1 
HETATM 699 O  O   . HOH C 3 .  ? -11.769 2.318   1.676   1.00 31.56 ? 304 HOH A O   1 
HETATM 700 O  O   . HOH C 3 .  ? -9.339  -10.067 10.630  1.00 38.88 ? 305 HOH A O   1 
HETATM 701 O  O   . HOH C 3 .  ? -3.540  15.278  -0.455  1.00 40.51 ? 306 HOH A O   1 
HETATM 702 O  O   . HOH C 3 .  ? -8.241  -4.941  -7.436  1.00 43.99 ? 307 HOH A O   1 
HETATM 703 O  O   . HOH C 3 .  ? -9.034  -2.728  -5.551  1.00 36.82 ? 308 HOH A O   1 
HETATM 704 O  O   . HOH C 3 .  ? -9.914  9.560   -6.308  1.00 29.85 ? 309 HOH A O   1 
HETATM 705 O  O   . HOH C 3 .  ? 9.464   4.972   8.647   1.00 36.80 ? 310 HOH A O   1 
HETATM 706 O  O   . HOH C 3 .  ? 5.413   14.236  -4.679  1.00 57.37 ? 311 HOH A O   1 
HETATM 707 O  O   . HOH C 3 .  ? -4.366  7.047   2.312   1.00 16.74 ? 312 HOH A O   1 
HETATM 708 O  O   . HOH C 3 .  ? 9.628   -11.093 9.512   1.00 23.45 ? 313 HOH A O   1 
HETATM 709 O  O   . HOH C 3 .  ? -10.850 4.041   4.660   1.00 45.25 ? 314 HOH A O   1 
HETATM 710 O  O   . HOH C 3 .  ? -7.880  4.060   6.258   1.00 30.94 ? 315 HOH A O   1 
HETATM 711 O  O   . HOH C 3 .  ? -10.161 -16.352 5.381   1.00 45.95 ? 316 HOH A O   1 
HETATM 712 O  O   . HOH C 3 .  ? -1.276  -17.598 -0.982  1.00 34.83 ? 317 HOH A O   1 
HETATM 713 O  O   . HOH C 3 .  ? -2.067  -14.861 -3.333  1.00 38.59 ? 318 HOH A O   1 
HETATM 714 O  O   . HOH C 3 .  ? 1.899   13.007  -10.859 1.00 40.26 ? 319 HOH A O   1 
HETATM 715 O  O   . HOH C 3 .  ? 0.553   -3.416  10.675  1.00 23.28 ? 320 HOH A O   1 
HETATM 716 O  O   . HOH C 3 .  ? -0.021  -1.814  13.425  1.00 36.44 ? 321 HOH A O   1 
HETATM 717 O  O   . HOH C 3 .  ? 11.825  -3.172  2.048   1.00 30.71 ? 322 HOH A O   1 
HETATM 718 O  O   . HOH C 3 .  ? 12.107  -2.404  -1.113  1.00 31.19 ? 323 HOH A O   1 
HETATM 719 O  O   . HOH C 3 .  ? 6.706   -5.348  -1.377  1.00 39.50 ? 324 HOH A O   1 
HETATM 720 O  O   . HOH C 3 .  ? 13.652  4.366   1.109   1.00 33.49 ? 325 HOH A O   1 
HETATM 721 O  O   . HOH C 3 .  ? 14.790  4.096   -2.660  1.00 34.88 ? 326 HOH A O   1 
HETATM 722 O  O   . HOH C 3 .  ? -8.371  -16.723 -4.504  1.00 44.24 ? 327 HOH A O   1 
HETATM 723 O  O   . HOH C 3 .  ? -6.599  -16.418 -0.408  1.00 41.22 ? 328 HOH A O   1 
HETATM 724 O  O   . HOH C 3 .  ? -9.983  -10.772 -1.677  1.00 52.40 ? 329 HOH A O   1 
HETATM 725 O  O   . HOH C 3 .  ? -7.422  0.210   -6.716  1.00 38.59 ? 330 HOH A O   1 
HETATM 726 O  O   . HOH C 3 .  ? -12.794 14.125  -5.838  1.00 40.66 ? 331 HOH A O   1 
HETATM 727 O  O   . HOH C 3 .  ? -10.877 -8.264  -1.522  1.00 35.44 ? 332 HOH A O   1 
HETATM 728 O  O   . HOH C 3 .  ? 3.878   -11.473 -2.856  1.00 46.90 ? 333 HOH A O   1 
HETATM 729 O  O   . HOH C 3 .  ? 3.323   -15.667 -2.307  1.00 56.30 ? 334 HOH A O   1 
HETATM 730 O  O   . HOH C 3 .  ? -3.242  3.042   -12.220 1.00 48.67 ? 335 HOH A O   1 
HETATM 731 O  O   . HOH C 3 .  ? -0.706  3.864   -12.914 1.00 38.16 ? 336 HOH A O   1 
HETATM 732 O  O   . HOH C 3 .  ? 5.061   15.680  -7.819  1.00 60.16 ? 337 HOH A O   1 
HETATM 733 O  O   . HOH C 3 .  ? 3.278   11.181  -14.109 1.00 62.56 ? 338 HOH A O   1 
HETATM 734 O  O   . HOH C 3 .  ? 6.870   -9.235  0.523   1.00 49.99 ? 340 HOH A O   1 
HETATM 735 O  O   . HOH C 3 .  ? 11.045  -6.837  2.585   1.00 51.94 ? 341 HOH A O   1 
HETATM 736 O  O   . HOH C 3 .  ? -4.267  9.733   7.401   1.00 40.66 ? 342 HOH A O   1 
HETATM 737 O  O   . HOH C 3 .  ? -2.770  -2.035  12.714  1.00 49.40 ? 343 HOH A O   1 
HETATM 738 O  O   . HOH C 3 .  ? 14.101  3.224   -5.998  1.00 35.69 ? 344 HOH A O   1 
HETATM 739 O  O   . HOH C 3 .  ? 11.677  3.530   -9.235  1.00 43.28 ? 345 HOH A O   1 
HETATM 740 O  O   . HOH C 3 .  ? 7.012   -7.205  -5.448  1.00 32.45 ? 346 HOH A O   1 
HETATM 741 O  O   . HOH C 3 .  ? 2.451   -13.351 5.020   1.00 41.45 ? 347 HOH A O   1 
HETATM 742 O  O   . HOH C 3 .  ? -8.808  -7.795  12.069  1.00 42.29 ? 348 HOH A O   1 
HETATM 743 O  O   . HOH C 3 .  ? -4.382  -7.532  14.288  1.00 41.79 ? 349 HOH A O   1 
HETATM 744 O  O   . HOH C 3 .  ? 8.424   9.953   6.909   1.00 39.56 ? 350 HOH A O   1 
HETATM 745 O  O   . HOH C 3 .  ? 4.186   15.551  1.831   1.00 52.21 ? 351 HOH A O   1 
HETATM 746 O  O   . HOH C 3 .  ? -10.746 -13.564 10.470  1.00 52.95 ? 352 HOH A O   1 
HETATM 747 O  O   . HOH C 3 .  ? -9.600  -14.880 -1.685  1.00 42.95 ? 353 HOH A O   1 
HETATM 748 O  O   . HOH C 3 .  ? -4.243  -5.101  -11.172 1.00 72.39 ? 354 HOH A O   1 
HETATM 749 O  O   . HOH C 3 .  ? -13.625 -11.064 -4.239  1.00 46.65 ? 355 HOH A O   1 
HETATM 750 O  O   . HOH C 3 .  ? -11.615 8.943   -11.829 1.00 54.42 ? 356 HOH A O   1 
HETATM 751 O  O   . HOH C 3 .  ? -8.301  -17.709 3.278   1.00 43.79 ? 357 HOH A O   1 
HETATM 752 O  O   . HOH C 3 .  ? -10.903 -17.284 2.439   1.00 61.41 ? 358 HOH A O   1 
HETATM 753 O  O   . HOH C 3 .  ? -0.824  7.425   -13.722 1.00 48.76 ? 359 HOH A O   1 
HETATM 754 O  O   . HOH C 3 .  ? 11.691  -4.571  4.236   1.00 44.93 ? 360 HOH A O   1 
HETATM 755 O  O   . HOH C 3 .  ? 10.793  0.504   -6.144  1.00 33.65 ? 361 HOH A O   1 
HETATM 756 O  O   . HOH C 3 .  ? 8.789   -2.372  -8.380  1.00 47.02 ? 362 HOH A O   1 
HETATM 757 O  O   . HOH C 3 .  ? -3.698  13.224  2.229   1.00 30.75 ? 363 HOH A O   1 
HETATM 758 O  O   . HOH C 3 .  ? -3.005  15.661  -8.983  1.00 53.17 ? 364 HOH A O   1 
HETATM 759 O  O   . HOH C 3 .  ? -12.361 -10.371 0.442   1.00 39.12 ? 365 HOH A O   1 
HETATM 760 O  O   . HOH C 3 .  ? 7.806   14.556  -0.260  1.00 55.25 ? 366 HOH A O   1 
HETATM 761 O  O   . HOH C 3 .  ? -2.492  -18.211 5.217   1.00 58.36 ? 367 HOH A O   1 
HETATM 762 O  O   . HOH C 3 .  ? -1.303  -2.318  -13.429 1.00 50.54 ? 368 HOH A O   1 
HETATM 763 O  O   . HOH C 3 .  ? -10.027 -3.792  12.015  1.00 50.02 ? 369 HOH A O   1 
HETATM 764 O  O   . HOH C 3 .  ? 2.777   -11.807 8.190   1.00 76.05 ? 370 HOH A O   1 
HETATM 765 O  O   . HOH C 3 .  ? 15.489  5.817   -0.477  1.00 77.61 ? 371 HOH A O   1 
HETATM 766 O  O   . HOH C 3 .  ? 18.196  5.378   -0.930  1.00 72.96 ? 372 HOH A O   1 
HETATM 767 O  O   . HOH C 3 .  ? 10.681  7.727   -13.446 1.00 56.88 ? 373 HOH A O   1 
HETATM 768 O  O   . HOH C 3 .  ? 11.173  12.997  -7.435  1.00 57.94 ? 374 HOH A O   1 
HETATM 769 O  O   . HOH C 3 .  ? 0.595   4.012   13.882  1.00 49.88 ? 375 HOH A O   1 
HETATM 770 O  O   . HOH C 3 .  ? 6.346   2.313   12.158  1.00 51.89 ? 376 HOH A O   1 
HETATM 771 O  O   . HOH C 3 .  ? 0.165   -16.920 -2.980  1.00 52.32 ? 377 HOH A O   1 
HETATM 772 O  O   . HOH C 3 .  ? 15.748  6.287   -4.432  1.00 41.65 ? 378 HOH A O   1 
HETATM 773 O  O   . HOH C 3 .  ? -0.617  -16.135 -6.152  1.00 75.26 ? 379 HOH A O   1 
HETATM 774 O  O   . HOH C 3 .  ? 9.285   -5.697  -1.929  1.00 76.80 ? 380 HOH A O   1 
HETATM 775 O  O   . HOH C 3 .  ? -8.674  2.279   -12.852 1.00 54.36 ? 381 HOH A O   1 
HETATM 776 O  O   . HOH C 3 .  ? 4.879   13.334  -9.149  1.00 65.64 ? 382 HOH A O   1 
HETATM 777 O  O   . HOH C 3 .  ? -4.158  -2.180  -11.498 1.00 61.46 ? 383 HOH A O   1 
# 
